data_3JU8
#
_entry.id   3JU8
#
_cell.length_a   137.117
_cell.length_b   48.033
_cell.length_c   187.130
_cell.angle_alpha   90.00
_cell.angle_beta   107.43
_cell.angle_gamma   90.00
#
_symmetry.space_group_name_H-M   'C 1 2 1'
#
loop_
_entity.id
_entity.type
_entity.pdbx_description
1 polymer 'Succinylglutamic semialdehyde dehydrogenase'
2 non-polymer NICOTINAMIDE-ADENINE-DINUCLEOTIDE
3 non-polymer 'SULFATE ION'
4 non-polymer 'SUCCINIC ACID'
5 non-polymer GLYCEROL
6 non-polymer 'CHLORIDE ION'
7 non-polymer 'MAGNESIUM ION'
8 water water
#
_entity_poly.entity_id   1
_entity_poly.type   'polypeptide(L)'
_entity_poly.pdbx_seq_one_letter_code
;SNA(MSE)(MSE)STHYIAGQWLAGQGETLESLDPVGQGVVWSGRGADATQVDAAVCAAREAFPAWARRPLEQRIELLER
FAATLKSRADELARVIGEETGKPLWESATEVTS(MSE)VNKVAISVQAFRERTGEKSGPLADATAVLRHKPHGVVAVFGP
YNFPGHLPNGHIVPALLAGNCVVFKPSELTPKVAELTLKAWIQAGLPAGVLNLVQGGRETGVALAAHRGLDGLFFTGSSR
TGNLLHSQFGGQPQKILALE(MSE)GGNNPLVVEEVADLDAAVYTIIQSAFISAGQRCTCARRLLVPQGAWGDALLARLV
AVSATLRVGRFDEQPAPF(MSE)GAVISLSAAEHLLKAQEHLIGKGAQPLLA(MSE)TQPIDGAALLTPGILDVSAVAER
PDEEFFGPLLQVIRYSDFAAAIREANATQYGLAAGLLSDSRERFEQFLVESRAGIVNWNKQLTGAASSAPFGGIGASGNH
RPSAYYAADYCAYPVASLESPSVSLPATLTPGIS
;
_entity_poly.pdbx_strand_id   A,B
#
# COMPACT_ATOMS: atom_id res chain seq x y z
N SER A 6 27.33 8.83 22.72
CA SER A 6 27.14 7.72 21.84
C SER A 6 26.29 8.31 20.72
N THR A 7 26.80 8.33 19.49
CA THR A 7 26.15 9.10 18.44
C THR A 7 25.52 8.21 17.41
N HIS A 8 26.29 7.69 16.45
CA HIS A 8 25.71 6.85 15.41
C HIS A 8 26.06 5.41 15.70
N TYR A 9 25.17 4.50 15.32
CA TYR A 9 25.46 3.06 15.49
C TYR A 9 25.36 2.42 14.13
N ILE A 10 26.51 2.03 13.61
CA ILE A 10 26.61 1.57 12.22
C ILE A 10 27.44 0.33 12.18
N ALA A 11 26.90 -0.71 11.55
CA ALA A 11 27.60 -2.01 11.43
C ALA A 11 28.13 -2.50 12.80
N GLY A 12 27.31 -2.40 13.82
CA GLY A 12 27.70 -2.93 15.12
C GLY A 12 28.68 -2.08 15.92
N GLN A 13 28.95 -0.85 15.51
CA GLN A 13 29.87 0.01 16.29
C GLN A 13 29.31 1.43 16.49
N TRP A 14 29.66 2.05 17.61
CA TRP A 14 29.32 3.44 17.88
C TRP A 14 30.36 4.31 17.17
N LEU A 15 29.88 5.28 16.38
N LEU A 15 29.85 5.36 16.52
CA LEU A 15 30.77 6.21 15.66
CA LEU A 15 30.65 6.23 15.65
C LEU A 15 30.38 7.66 15.98
C LEU A 15 30.35 7.70 15.96
N ALA A 16 31.39 8.52 16.09
CA ALA A 16 31.17 9.96 16.26
C ALA A 16 30.69 10.54 14.92
N GLY A 17 29.94 11.66 14.97
CA GLY A 17 29.35 12.20 13.75
C GLY A 17 30.36 13.11 13.07
N GLN A 18 30.23 13.30 11.77
CA GLN A 18 31.09 14.20 11.00
C GLN A 18 30.27 15.39 10.48
N GLY A 19 28.95 15.32 10.63
CA GLY A 19 28.09 16.44 10.19
C GLY A 19 27.94 17.58 11.20
N GLU A 20 26.87 18.35 11.05
CA GLU A 20 26.65 19.54 11.90
C GLU A 20 26.35 19.16 13.34
N THR A 21 26.81 19.95 14.29
CA THR A 21 26.44 19.79 15.69
C THR A 21 24.91 19.79 15.85
N LEU A 22 24.41 18.93 16.74
CA LEU A 22 22.97 18.86 17.01
C LEU A 22 22.87 18.75 18.52
N GLU A 23 22.03 19.58 19.15
CA GLU A 23 21.75 19.46 20.57
C GLU A 23 20.26 19.31 20.73
N SER A 24 19.82 18.47 21.68
CA SER A 24 18.41 18.54 22.07
C SER A 24 18.35 19.19 23.44
N LEU A 25 17.31 19.98 23.66
CA LEU A 25 17.19 20.79 24.87
C LEU A 25 15.93 20.42 25.62
N ASP A 26 16.03 20.40 26.95
CA ASP A 26 14.87 20.22 27.82
C ASP A 26 13.86 21.33 27.46
N PRO A 27 12.62 20.96 27.11
CA PRO A 27 11.73 22.02 26.61
C PRO A 27 11.36 23.05 27.69
N VAL A 28 11.57 22.72 28.96
CA VAL A 28 11.28 23.72 30.00
C VAL A 28 12.53 24.51 30.35
N GLY A 29 13.51 23.83 30.95
CA GLY A 29 14.71 24.49 31.45
C GLY A 29 15.74 24.87 30.38
N GLN A 30 15.63 24.27 29.19
CA GLN A 30 16.52 24.52 28.06
C GLN A 30 17.93 23.96 28.21
N GLY A 31 18.17 23.17 29.26
CA GLY A 31 19.46 22.51 29.44
C GLY A 31 19.72 21.50 28.34
N VAL A 32 20.98 21.32 27.93
CA VAL A 32 21.31 20.31 26.93
C VAL A 32 21.08 18.90 27.46
N VAL A 33 20.26 18.14 26.75
CA VAL A 33 19.91 16.79 27.15
C VAL A 33 20.78 15.80 26.38
N TRP A 34 21.14 16.17 25.15
CA TRP A 34 21.90 15.27 24.28
C TRP A 34 22.68 16.13 23.31
N SER A 35 23.86 15.67 22.92
CA SER A 35 24.64 16.47 22.03
C SER A 35 25.52 15.55 21.21
N GLY A 36 25.70 15.90 19.93
CA GLY A 36 26.57 15.15 19.01
C GLY A 36 26.66 15.86 17.66
N ARG A 37 27.40 15.27 16.72
CA ARG A 37 27.38 15.74 15.34
C ARG A 37 26.51 14.82 14.50
N GLY A 38 25.74 15.41 13.61
CA GLY A 38 24.91 14.63 12.71
C GLY A 38 25.69 13.72 11.78
N ALA A 39 25.01 12.75 11.20
CA ALA A 39 25.66 11.86 10.23
C ALA A 39 25.75 12.56 8.89
N ASP A 40 26.96 12.69 8.34
CA ASP A 40 27.05 13.36 7.05
C ASP A 40 26.68 12.34 5.96
N ALA A 41 26.76 12.73 4.69
CA ALA A 41 26.31 11.84 3.62
C ALA A 41 27.13 10.53 3.55
N THR A 42 28.44 10.62 3.82
N THR A 42 28.43 10.65 3.81
CA THR A 42 29.25 9.41 3.76
CA THR A 42 29.29 9.49 3.83
C THR A 42 28.98 8.45 4.93
C THR A 42 28.83 8.48 4.88
N GLN A 43 28.55 8.99 6.06
CA GLN A 43 28.14 8.15 7.18
C GLN A 43 26.75 7.54 6.91
N VAL A 44 25.88 8.30 6.27
CA VAL A 44 24.58 7.73 5.87
C VAL A 44 24.82 6.59 4.89
N ASP A 45 25.70 6.78 3.92
N ASP A 45 25.70 6.81 3.93
CA ASP A 45 26.03 5.70 3.00
CA ASP A 45 26.16 5.77 3.00
C ASP A 45 26.59 4.48 3.75
C ASP A 45 26.57 4.52 3.76
N ALA A 46 27.41 4.72 4.78
CA ALA A 46 27.98 3.60 5.56
C ALA A 46 26.86 2.83 6.26
N ALA A 47 25.85 3.54 6.74
CA ALA A 47 24.75 2.89 7.45
C ALA A 47 23.90 2.06 6.49
N VAL A 48 23.61 2.61 5.31
CA VAL A 48 22.84 1.86 4.32
C VAL A 48 23.63 0.61 3.88
N CYS A 49 24.91 0.78 3.61
N CYS A 49 24.92 0.79 3.63
CA CYS A 49 25.74 -0.36 3.26
CA CYS A 49 25.79 -0.34 3.28
C CYS A 49 25.82 -1.43 4.35
C CYS A 49 25.78 -1.42 4.35
N ALA A 50 25.81 -1.00 5.61
CA ALA A 50 25.86 -1.94 6.73
C ALA A 50 24.61 -2.81 6.76
N ALA A 51 23.46 -2.15 6.59
CA ALA A 51 22.18 -2.85 6.52
C ALA A 51 22.17 -3.80 5.35
N ARG A 52 22.68 -3.34 4.19
CA ARG A 52 22.72 -4.17 3.00
C ARG A 52 23.59 -5.43 3.22
N GLU A 53 24.74 -5.25 3.85
N GLU A 53 24.73 -5.23 3.86
CA GLU A 53 25.64 -6.38 4.08
CA GLU A 53 25.68 -6.29 4.15
C GLU A 53 25.01 -7.37 5.06
C GLU A 53 25.02 -7.33 5.06
N ALA A 54 24.27 -6.87 6.05
CA ALA A 54 23.67 -7.74 7.06
C ALA A 54 22.40 -8.46 6.57
N PHE A 55 21.76 -7.92 5.54
CA PHE A 55 20.43 -8.39 5.15
C PHE A 55 20.33 -9.87 4.74
N PRO A 56 21.25 -10.37 3.88
CA PRO A 56 21.03 -11.75 3.47
C PRO A 56 20.98 -12.72 4.64
N ALA A 57 21.92 -12.60 5.59
CA ALA A 57 21.98 -13.52 6.72
C ALA A 57 20.79 -13.36 7.65
N TRP A 58 20.36 -12.12 7.84
CA TRP A 58 19.29 -11.84 8.76
C TRP A 58 17.97 -12.36 8.17
N ALA A 59 17.81 -12.15 6.87
CA ALA A 59 16.58 -12.63 6.20
C ALA A 59 16.51 -14.19 6.14
N ARG A 60 17.66 -14.82 5.93
N ARG A 60 17.63 -14.87 5.98
CA ARG A 60 17.86 -16.29 5.91
CA ARG A 60 17.62 -16.34 5.89
C ARG A 60 17.48 -16.97 7.21
C ARG A 60 17.57 -17.05 7.24
N ARG A 61 17.82 -16.31 8.32
CA ARG A 61 17.63 -16.87 9.68
C ARG A 61 16.23 -17.40 9.80
N PRO A 62 16.06 -18.47 10.58
CA PRO A 62 14.70 -18.93 10.91
C PRO A 62 13.91 -17.83 11.63
N LEU A 63 12.64 -17.71 11.27
CA LEU A 63 11.75 -16.71 11.88
C LEU A 63 11.86 -16.78 13.40
N GLU A 64 11.91 -18.00 13.93
CA GLU A 64 11.90 -18.16 15.38
C GLU A 64 13.11 -17.49 16.04
N GLN A 65 14.22 -17.40 15.30
CA GLN A 65 15.41 -16.75 15.85
C GLN A 65 15.27 -15.24 15.82
N ARG A 66 14.58 -14.70 14.80
CA ARG A 66 14.28 -13.26 14.83
C ARG A 66 13.31 -12.97 15.96
N ILE A 67 12.32 -13.84 16.17
CA ILE A 67 11.38 -13.64 17.26
C ILE A 67 12.10 -13.59 18.63
N GLU A 68 13.05 -14.51 18.85
N GLU A 68 13.04 -14.53 18.82
CA GLU A 68 13.75 -14.58 20.13
CA GLU A 68 13.82 -14.64 20.05
C GLU A 68 14.52 -13.30 20.41
C GLU A 68 14.51 -13.33 20.39
N LEU A 69 15.12 -12.72 19.37
CA LEU A 69 15.80 -11.43 19.56
C LEU A 69 14.81 -10.32 19.94
N LEU A 70 13.68 -10.27 19.22
CA LEU A 70 12.67 -9.24 19.51
C LEU A 70 12.11 -9.39 20.92
N GLU A 71 11.89 -10.63 21.34
CA GLU A 71 11.41 -10.87 22.70
C GLU A 71 12.46 -10.47 23.74
N ARG A 72 13.72 -10.77 23.48
CA ARG A 72 14.78 -10.32 24.41
C ARG A 72 14.79 -8.78 24.48
N PHE A 73 14.54 -8.14 23.35
CA PHE A 73 14.46 -6.67 23.31
C PHE A 73 13.33 -6.14 24.20
N ALA A 74 12.14 -6.74 24.07
CA ALA A 74 11.01 -6.33 24.90
C ALA A 74 11.33 -6.51 26.38
N ALA A 75 11.96 -7.63 26.70
CA ALA A 75 12.28 -7.91 28.09
C ALA A 75 13.32 -6.91 28.62
N THR A 76 14.20 -6.45 27.72
CA THR A 76 15.22 -5.47 28.09
C THR A 76 14.61 -4.10 28.31
N LEU A 77 13.65 -3.73 27.46
CA LEU A 77 12.92 -2.49 27.72
C LEU A 77 12.25 -2.57 29.07
N LYS A 78 11.62 -3.72 29.37
CA LYS A 78 10.93 -3.80 30.66
C LYS A 78 11.88 -3.60 31.83
N SER A 79 13.06 -4.18 31.74
N SER A 79 13.07 -4.17 31.72
CA SER A 79 14.03 -4.05 32.83
CA SER A 79 14.09 -4.09 32.76
C SER A 79 14.55 -2.63 32.96
C SER A 79 14.62 -2.68 32.93
N ARG A 80 14.55 -1.88 31.88
CA ARG A 80 15.08 -0.53 31.91
C ARG A 80 13.95 0.48 31.83
N ALA A 81 12.76 0.08 32.26
CA ALA A 81 11.57 0.90 31.96
C ALA A 81 11.65 2.26 32.64
N ASP A 82 12.12 2.30 33.90
CA ASP A 82 12.16 3.57 34.63
C ASP A 82 13.14 4.50 33.94
N GLU A 83 14.33 3.98 33.61
CA GLU A 83 15.35 4.78 32.96
C GLU A 83 14.82 5.38 31.63
N LEU A 84 14.16 4.55 30.83
CA LEU A 84 13.66 4.99 29.53
C LEU A 84 12.52 6.02 29.70
N ALA A 85 11.63 5.80 30.67
CA ALA A 85 10.59 6.81 30.93
C ALA A 85 11.17 8.18 31.32
N ARG A 86 12.26 8.19 32.08
N ARG A 86 12.26 8.17 32.08
CA ARG A 86 12.80 9.47 32.50
CA ARG A 86 12.88 9.42 32.50
C ARG A 86 13.49 10.18 31.35
C ARG A 86 13.42 10.17 31.31
N VAL A 87 14.10 9.44 30.43
CA VAL A 87 14.72 10.06 29.26
C VAL A 87 13.64 10.58 28.29
N ILE A 88 12.56 9.84 28.13
CA ILE A 88 11.45 10.35 27.30
C ILE A 88 10.94 11.65 27.96
N GLY A 89 10.76 11.61 29.29
CA GLY A 89 10.31 12.81 30.00
C GLY A 89 11.24 13.99 29.83
N GLU A 90 12.55 13.75 30.01
CA GLU A 90 13.58 14.79 29.91
C GLU A 90 13.53 15.49 28.57
N GLU A 91 13.42 14.71 27.53
CA GLU A 91 13.58 15.25 26.17
C GLU A 91 12.29 15.81 25.61
N THR A 92 11.14 15.21 25.95
CA THR A 92 9.87 15.64 25.38
C THR A 92 8.99 16.46 26.34
N GLY A 93 9.34 16.46 27.62
CA GLY A 93 8.56 17.15 28.64
C GLY A 93 7.40 16.30 29.15
N LYS A 94 7.14 15.15 28.54
N LYS A 94 7.21 15.12 28.57
CA LYS A 94 5.93 14.41 28.92
CA LYS A 94 6.10 14.23 28.92
C LYS A 94 6.06 13.88 30.35
C LYS A 94 6.13 13.86 30.42
N PRO A 95 5.00 14.05 31.15
CA PRO A 95 5.01 13.60 32.55
C PRO A 95 5.44 12.14 32.67
N LEU A 96 6.08 11.81 33.78
CA LEU A 96 6.59 10.45 33.95
C LEU A 96 5.49 9.40 33.85
N TRP A 97 4.29 9.71 34.36
CA TRP A 97 3.21 8.72 34.32
C TRP A 97 2.88 8.39 32.88
N GLU A 98 2.94 9.39 32.01
CA GLU A 98 2.59 9.17 30.62
C GLU A 98 3.75 8.56 29.87
N SER A 99 4.97 8.98 30.21
CA SER A 99 6.15 8.39 29.61
C SER A 99 6.22 6.90 29.89
N ALA A 100 5.77 6.50 31.08
CA ALA A 100 5.82 5.07 31.43
C ALA A 100 4.89 4.29 30.52
N THR A 101 3.74 4.88 30.21
CA THR A 101 2.82 4.21 29.28
C THR A 101 3.41 4.05 27.89
N GLU A 102 4.20 5.03 27.44
CA GLU A 102 4.86 4.86 26.16
C GLU A 102 5.80 3.66 26.17
N VAL A 103 6.58 3.48 27.24
CA VAL A 103 7.49 2.33 27.32
C VAL A 103 6.70 1.03 27.30
N THR A 104 5.58 1.00 28.01
CA THR A 104 4.76 -0.20 28.00
C THR A 104 4.23 -0.53 26.60
N SER A 105 3.83 0.49 25.86
CA SER A 105 3.40 0.27 24.47
C SER A 105 4.55 -0.30 23.64
N VAL A 107 7.10 -2.24 24.74
CA VAL A 107 7.26 -3.63 25.14
C VAL A 107 6.16 -4.48 24.46
N ASN A 108 4.93 -3.99 24.52
CA ASN A 108 3.78 -4.78 24.05
C ASN A 108 3.75 -4.95 22.54
N LYS A 109 4.47 -4.09 21.83
CA LYS A 109 4.47 -4.10 20.36
C LYS A 109 5.02 -5.42 19.80
N VAL A 110 5.96 -6.04 20.51
CA VAL A 110 6.54 -7.28 19.99
C VAL A 110 5.54 -8.42 19.85
N ALA A 111 4.81 -8.73 20.92
CA ALA A 111 3.93 -9.91 20.83
C ALA A 111 2.81 -9.65 19.81
N ILE A 112 2.30 -8.40 19.77
CA ILE A 112 1.26 -8.08 18.78
C ILE A 112 1.81 -8.14 17.34
N SER A 113 3.04 -7.68 17.13
CA SER A 113 3.63 -7.76 15.79
C SER A 113 3.82 -9.21 15.34
N VAL A 114 4.17 -10.10 16.26
CA VAL A 114 4.32 -11.50 15.90
C VAL A 114 2.94 -12.06 15.51
N GLN A 115 1.92 -11.69 16.27
CA GLN A 115 0.57 -12.17 15.96
C GLN A 115 0.15 -11.65 14.57
N ALA A 116 0.38 -10.36 14.33
CA ALA A 116 0.01 -9.76 13.06
C ALA A 116 0.78 -10.39 11.89
N PHE A 117 2.07 -10.69 12.11
CA PHE A 117 2.89 -11.32 11.05
C PHE A 117 2.30 -12.67 10.63
N ARG A 118 1.95 -13.48 11.62
N ARG A 118 1.95 -13.49 11.61
CA ARG A 118 1.41 -14.80 11.34
CA ARG A 118 1.41 -14.80 11.27
C ARG A 118 0.06 -14.69 10.63
C ARG A 118 0.06 -14.67 10.58
N GLU A 119 -0.72 -13.68 11.00
CA GLU A 119 -2.06 -13.47 10.39
C GLU A 119 -1.99 -12.91 8.96
N ARG A 120 -1.18 -11.89 8.75
CA ARG A 120 -1.22 -11.08 7.52
C ARG A 120 -0.12 -11.43 6.55
N THR A 121 1.03 -11.89 7.06
CA THR A 121 2.15 -12.19 6.18
C THR A 121 2.74 -13.52 6.55
N GLY A 122 1.89 -14.52 6.72
CA GLY A 122 2.35 -15.81 7.16
C GLY A 122 2.60 -16.74 5.97
N GLU A 123 2.46 -18.02 6.22
CA GLU A 123 2.78 -19.03 5.21
C GLU A 123 1.60 -19.99 5.17
N LYS A 124 1.12 -20.34 3.98
CA LYS A 124 -0.04 -21.23 3.84
C LYS A 124 0.34 -22.26 2.78
N SER A 125 -0.14 -23.49 2.91
CA SER A 125 0.22 -24.48 1.91
C SER A 125 -0.97 -25.41 1.69
N GLY A 126 -1.28 -25.72 0.43
CA GLY A 126 -2.37 -26.64 0.15
C GLY A 126 -2.36 -27.20 -1.27
N PRO A 127 -3.16 -28.26 -1.52
CA PRO A 127 -3.15 -28.85 -2.85
C PRO A 127 -3.89 -27.98 -3.84
N LEU A 128 -3.40 -27.88 -5.07
CA LEU A 128 -4.08 -27.18 -6.15
C LEU A 128 -3.81 -27.95 -7.44
N ALA A 129 -4.87 -28.50 -8.03
CA ALA A 129 -4.71 -29.45 -9.12
C ALA A 129 -3.75 -30.56 -8.67
N ASP A 130 -2.71 -30.79 -9.46
CA ASP A 130 -1.75 -31.85 -9.16
C ASP A 130 -0.43 -31.27 -8.62
N ALA A 131 -0.53 -30.15 -7.92
CA ALA A 131 0.63 -29.48 -7.40
C ALA A 131 0.30 -28.93 -6.01
N THR A 132 1.28 -28.31 -5.37
CA THR A 132 1.04 -27.70 -4.07
C THR A 132 1.14 -26.20 -4.28
N ALA A 133 0.12 -25.47 -3.84
CA ALA A 133 0.18 -24.01 -3.85
C ALA A 133 0.68 -23.56 -2.48
N VAL A 134 1.76 -22.79 -2.48
CA VAL A 134 2.33 -22.30 -1.23
C VAL A 134 2.37 -20.78 -1.28
N LEU A 135 1.96 -20.15 -0.18
CA LEU A 135 2.09 -18.69 -0.04
C LEU A 135 3.13 -18.43 1.03
N ARG A 136 4.13 -17.62 0.70
CA ARG A 136 5.15 -17.18 1.68
C ARG A 136 5.20 -15.66 1.60
N HIS A 137 5.91 -15.02 2.54
CA HIS A 137 6.13 -13.57 2.48
C HIS A 137 7.59 -13.31 2.75
N LYS A 138 8.17 -12.40 1.99
CA LYS A 138 9.60 -12.10 2.10
C LYS A 138 9.84 -10.64 2.41
N PRO A 139 10.94 -10.34 3.09
CA PRO A 139 11.25 -8.93 3.37
C PRO A 139 11.76 -8.23 2.13
N HIS A 140 11.68 -6.90 2.14
CA HIS A 140 12.08 -6.07 1.01
C HIS A 140 13.58 -5.95 0.92
N GLY A 141 14.22 -5.73 2.07
CA GLY A 141 15.66 -5.54 2.11
C GLY A 141 16.07 -4.50 3.14
N VAL A 142 16.56 -3.36 2.70
CA VAL A 142 16.98 -2.29 3.60
C VAL A 142 15.88 -1.23 3.66
N VAL A 143 15.41 -0.94 4.87
CA VAL A 143 14.37 0.09 4.98
C VAL A 143 14.85 1.21 5.90
N ALA A 144 14.55 2.46 5.52
CA ALA A 144 14.79 3.58 6.43
C ALA A 144 13.56 3.79 7.29
N VAL A 145 13.77 4.13 8.56
CA VAL A 145 12.67 4.53 9.43
C VAL A 145 12.92 5.95 9.91
N PHE A 146 11.99 6.84 9.60
CA PHE A 146 12.04 8.23 10.07
C PHE A 146 11.11 8.42 11.26
N GLY A 147 11.70 8.77 12.40
CA GLY A 147 10.96 8.87 13.65
C GLY A 147 10.41 10.29 13.88
N PRO A 148 9.30 10.38 14.61
CA PRO A 148 8.75 11.68 15.03
C PRO A 148 9.19 12.03 16.46
N TYR A 149 8.84 13.22 16.94
CA TYR A 149 9.22 13.55 18.31
C TYR A 149 8.14 13.28 19.37
N ASN A 150 6.89 13.10 18.94
CA ASN A 150 5.82 13.09 19.95
C ASN A 150 5.75 11.77 20.75
N PHE A 151 5.98 10.67 20.03
CA PHE A 151 6.20 9.32 20.63
C PHE A 151 7.55 8.83 20.10
N PRO A 152 8.64 9.34 20.68
CA PRO A 152 10.00 9.14 20.17
C PRO A 152 10.50 7.71 20.39
N GLY A 153 9.79 6.94 21.19
CA GLY A 153 10.10 5.52 21.27
C GLY A 153 9.05 4.65 20.63
N HIS A 154 7.77 4.87 20.96
CA HIS A 154 6.73 3.97 20.47
C HIS A 154 6.50 3.99 18.94
N LEU A 155 6.48 5.18 18.31
CA LEU A 155 6.11 5.22 16.90
C LEU A 155 7.23 4.66 15.98
N PRO A 156 8.51 5.01 16.24
CA PRO A 156 9.53 4.34 15.39
C PRO A 156 9.55 2.83 15.68
N ASN A 157 9.35 2.43 16.93
CA ASN A 157 9.35 1.01 17.32
C ASN A 157 8.27 0.28 16.55
N GLY A 158 7.17 0.99 16.26
CA GLY A 158 6.06 0.41 15.52
C GLY A 158 6.37 0.14 14.06
N HIS A 159 7.43 0.75 13.52
CA HIS A 159 7.94 0.37 12.19
C HIS A 159 9.11 -0.63 12.34
N ILE A 160 9.99 -0.37 13.31
CA ILE A 160 11.22 -1.16 13.45
C ILE A 160 10.94 -2.60 13.84
N VAL A 161 10.07 -2.80 14.82
CA VAL A 161 9.76 -4.18 15.23
C VAL A 161 9.21 -5.05 14.08
N PRO A 162 8.11 -4.60 13.45
CA PRO A 162 7.62 -5.48 12.36
C PRO A 162 8.60 -5.58 11.20
N ALA A 163 9.38 -4.53 10.94
CA ALA A 163 10.33 -4.60 9.82
C ALA A 163 11.42 -5.64 10.12
N LEU A 164 12.02 -5.59 11.31
CA LEU A 164 13.05 -6.58 11.64
C LEU A 164 12.46 -7.98 11.70
N LEU A 165 11.28 -8.10 12.28
CA LEU A 165 10.62 -9.40 12.38
C LEU A 165 10.50 -10.07 11.00
N ALA A 166 10.10 -9.28 10.00
CA ALA A 166 9.93 -9.85 8.65
C ALA A 166 11.26 -10.19 7.98
N GLY A 167 12.36 -9.64 8.50
CA GLY A 167 13.67 -9.99 7.95
C GLY A 167 14.32 -8.85 7.20
N ASN A 168 13.77 -7.62 7.30
CA ASN A 168 14.47 -6.46 6.74
C ASN A 168 15.60 -6.04 7.65
N CYS A 169 16.54 -5.22 7.14
CA CYS A 169 17.46 -4.53 8.05
C CYS A 169 17.11 -3.05 7.95
N VAL A 170 17.44 -2.32 9.00
CA VAL A 170 16.91 -0.96 9.18
C VAL A 170 17.98 0.12 9.36
N VAL A 171 17.72 1.29 8.79
CA VAL A 171 18.46 2.50 9.12
C VAL A 171 17.46 3.48 9.73
N PHE A 172 17.66 3.79 11.02
CA PHE A 172 16.72 4.61 11.81
C PHE A 172 17.27 6.03 11.93
N LYS A 173 16.49 7.00 11.45
CA LYS A 173 16.84 8.41 11.56
C LYS A 173 15.79 9.04 12.50
N PRO A 174 16.14 9.23 13.76
CA PRO A 174 15.16 9.80 14.71
C PRO A 174 14.93 11.26 14.46
N SER A 175 13.81 11.77 14.94
CA SER A 175 13.64 13.23 14.98
C SER A 175 14.85 13.88 15.64
N GLU A 176 15.32 14.99 15.06
N GLU A 176 15.33 14.98 15.06
CA GLU A 176 16.44 15.73 15.64
CA GLU A 176 16.46 15.67 15.67
C GLU A 176 16.07 16.30 17.02
C GLU A 176 16.07 16.32 17.01
N LEU A 177 14.79 16.27 17.34
CA LEU A 177 14.31 16.81 18.64
C LEU A 177 14.36 15.75 19.73
N THR A 178 14.46 14.47 19.34
CA THR A 178 14.48 13.40 20.36
C THR A 178 15.58 12.34 20.15
N PRO A 179 16.81 12.80 19.94
CA PRO A 179 17.90 11.82 19.74
C PRO A 179 18.25 10.95 20.97
N LYS A 180 18.08 11.48 22.18
CA LYS A 180 18.51 10.72 23.38
C LYS A 180 17.59 9.52 23.55
N VAL A 181 16.30 9.71 23.26
CA VAL A 181 15.39 8.57 23.39
C VAL A 181 15.85 7.48 22.41
N ALA A 182 16.28 7.87 21.21
CA ALA A 182 16.66 6.86 20.22
C ALA A 182 17.96 6.16 20.63
N GLU A 183 18.85 6.94 21.21
CA GLU A 183 20.12 6.35 21.66
C GLU A 183 19.86 5.25 22.70
N LEU A 184 19.02 5.53 23.68
N LEU A 184 19.01 5.54 23.68
CA LEU A 184 18.75 4.53 24.71
CA LEU A 184 18.71 4.57 24.74
C LEU A 184 17.98 3.35 24.15
C LEU A 184 17.92 3.38 24.21
N THR A 185 17.08 3.61 23.21
CA THR A 185 16.41 2.52 22.51
C THR A 185 17.42 1.59 21.80
N LEU A 186 18.37 2.18 21.09
CA LEU A 186 19.41 1.39 20.44
C LEU A 186 20.21 0.60 21.51
N LYS A 187 20.51 1.23 22.65
CA LYS A 187 21.28 0.51 23.69
C LYS A 187 20.53 -0.73 24.18
N ALA A 188 19.20 -0.65 24.21
CA ALA A 188 18.40 -1.81 24.57
C ALA A 188 18.45 -2.90 23.50
N TRP A 189 18.32 -2.53 22.22
CA TRP A 189 18.44 -3.48 21.12
C TRP A 189 19.82 -4.16 21.17
N ILE A 190 20.84 -3.36 21.47
CA ILE A 190 22.21 -3.89 21.51
C ILE A 190 22.38 -4.90 22.67
N GLN A 191 21.89 -4.52 23.85
N GLN A 191 21.90 -4.53 23.86
CA GLN A 191 21.89 -5.39 25.02
CA GLN A 191 21.91 -5.43 25.00
C GLN A 191 21.09 -6.67 24.77
C GLN A 191 21.17 -6.72 24.65
N ALA A 192 20.06 -6.58 23.94
CA ALA A 192 19.22 -7.71 23.57
C ALA A 192 19.92 -8.67 22.61
N GLY A 193 21.05 -8.22 22.04
CA GLY A 193 21.82 -9.11 21.17
C GLY A 193 21.70 -8.85 19.68
N LEU A 194 21.22 -7.67 19.32
CA LEU A 194 21.05 -7.39 17.90
C LEU A 194 22.37 -7.55 17.15
N PRO A 195 22.36 -8.30 16.04
CA PRO A 195 23.52 -8.55 15.17
C PRO A 195 24.00 -7.29 14.45
N ALA A 196 25.31 -7.18 14.24
CA ALA A 196 25.85 -5.98 13.60
C ALA A 196 25.14 -5.69 12.28
N GLY A 197 24.74 -4.44 12.05
CA GLY A 197 24.18 -4.02 10.77
C GLY A 197 22.69 -4.23 10.63
N VAL A 198 22.08 -5.00 11.52
CA VAL A 198 20.65 -5.30 11.38
C VAL A 198 19.79 -4.06 11.72
N LEU A 199 20.21 -3.32 12.75
CA LEU A 199 19.60 -2.01 13.02
C LEU A 199 20.70 -0.99 13.17
N ASN A 200 20.62 0.07 12.39
CA ASN A 200 21.62 1.13 12.40
C ASN A 200 20.96 2.44 12.74
N LEU A 201 21.71 3.33 13.39
CA LEU A 201 21.13 4.58 13.95
C LEU A 201 21.95 5.72 13.36
N VAL A 202 21.33 6.62 12.62
CA VAL A 202 22.02 7.83 12.18
C VAL A 202 21.25 9.01 12.75
N GLN A 203 21.88 9.70 13.69
CA GLN A 203 21.29 10.93 14.24
C GLN A 203 21.55 12.14 13.33
N GLY A 204 20.66 13.14 13.37
CA GLY A 204 20.98 14.38 12.68
C GLY A 204 19.75 15.20 12.36
N GLY A 205 19.96 16.37 11.77
CA GLY A 205 18.86 17.22 11.33
C GLY A 205 18.54 16.92 9.88
N ARG A 206 18.14 17.97 9.16
N ARG A 206 18.13 17.95 9.14
CA ARG A 206 17.69 17.85 7.78
CA ARG A 206 17.65 17.75 7.77
C ARG A 206 18.74 17.31 6.84
C ARG A 206 18.76 17.29 6.81
N GLU A 207 20.00 17.69 7.07
CA GLU A 207 21.15 17.22 6.27
C GLU A 207 21.14 15.70 6.19
N THR A 208 21.00 15.09 7.36
CA THR A 208 21.03 13.65 7.48
C THR A 208 19.77 13.04 6.88
N GLY A 209 18.61 13.60 7.17
CA GLY A 209 17.35 13.02 6.72
C GLY A 209 17.25 13.09 5.21
N VAL A 210 17.69 14.21 4.66
CA VAL A 210 17.71 14.35 3.19
C VAL A 210 18.65 13.32 2.50
N ALA A 211 19.83 13.12 3.07
CA ALA A 211 20.79 12.17 2.52
C ALA A 211 20.21 10.75 2.56
N LEU A 212 19.55 10.42 3.65
CA LEU A 212 19.04 9.06 3.79
C LEU A 212 17.87 8.83 2.82
N ALA A 213 16.91 9.75 2.79
CA ALA A 213 15.73 9.61 1.93
C ALA A 213 16.15 9.53 0.46
N ALA A 214 17.28 10.14 0.12
CA ALA A 214 17.74 10.13 -1.26
C ALA A 214 18.56 8.90 -1.64
N HIS A 215 18.90 8.05 -0.68
CA HIS A 215 19.88 7.01 -0.95
C HIS A 215 19.30 5.90 -1.80
N ARG A 216 19.99 5.57 -2.89
CA ARG A 216 19.45 4.60 -3.84
C ARG A 216 19.45 3.17 -3.32
N GLY A 217 20.19 2.94 -2.24
CA GLY A 217 20.25 1.63 -1.60
C GLY A 217 19.04 1.21 -0.78
N LEU A 218 18.11 2.14 -0.55
CA LEU A 218 16.92 1.79 0.19
C LEU A 218 15.94 1.03 -0.67
N ASP A 219 15.29 0.04 -0.07
CA ASP A 219 14.13 -0.62 -0.69
C ASP A 219 12.82 -0.10 -0.14
N GLY A 220 12.86 0.60 1.00
CA GLY A 220 11.63 1.08 1.60
C GLY A 220 11.94 2.24 2.52
N LEU A 221 10.95 3.08 2.75
CA LEU A 221 11.11 4.20 3.67
C LEU A 221 9.82 4.30 4.43
N PHE A 222 9.89 4.17 5.75
CA PHE A 222 8.73 4.20 6.61
C PHE A 222 8.80 5.47 7.45
N PHE A 223 7.77 6.29 7.36
CA PHE A 223 7.82 7.66 7.87
C PHE A 223 6.66 7.93 8.79
N THR A 224 6.94 8.57 9.93
CA THR A 224 5.85 9.19 10.70
C THR A 224 6.23 10.62 10.95
N GLY A 225 5.33 11.55 10.66
CA GLY A 225 5.66 12.96 10.83
C GLY A 225 4.61 13.81 10.16
N SER A 226 4.97 15.03 9.76
CA SER A 226 3.95 15.96 9.28
C SER A 226 3.51 15.66 7.84
N SER A 227 2.32 16.15 7.47
N SER A 227 2.32 16.16 7.47
CA SER A 227 1.89 16.06 6.08
CA SER A 227 1.88 16.06 6.09
C SER A 227 2.81 16.83 5.13
C SER A 227 2.81 16.82 5.15
N ARG A 228 3.28 17.99 5.56
CA ARG A 228 4.18 18.74 4.69
C ARG A 228 5.40 17.90 4.32
N THR A 229 6.05 17.32 5.31
CA THR A 229 7.26 16.58 5.06
C THR A 229 6.95 15.27 4.32
N GLY A 230 5.92 14.55 4.78
CA GLY A 230 5.57 13.31 4.08
C GLY A 230 5.24 13.55 2.61
N ASN A 231 4.63 14.69 2.29
CA ASN A 231 4.21 14.94 0.90
C ASN A 231 5.41 15.20 0.07
N LEU A 232 6.41 15.84 0.65
N LEU A 232 6.39 15.84 0.68
CA LEU A 232 7.66 16.05 -0.06
CA LEU A 232 7.68 16.07 0.04
C LEU A 232 8.38 14.72 -0.36
C LEU A 232 8.30 14.72 -0.36
N LEU A 233 8.35 13.79 0.59
CA LEU A 233 8.89 12.47 0.36
C LEU A 233 8.09 11.76 -0.73
N HIS A 234 6.77 11.86 -0.67
CA HIS A 234 5.95 11.22 -1.70
C HIS A 234 6.27 11.78 -3.09
N SER A 235 6.41 13.10 -3.17
N SER A 235 6.42 13.10 -3.17
CA SER A 235 6.81 13.74 -4.44
CA SER A 235 6.80 13.76 -4.40
C SER A 235 8.15 13.23 -4.92
C SER A 235 8.14 13.25 -4.92
N GLN A 236 9.09 13.11 -4.00
CA GLN A 236 10.42 12.68 -4.36
C GLN A 236 10.43 11.27 -4.93
N PHE A 237 9.51 10.42 -4.47
CA PHE A 237 9.48 9.02 -4.92
C PHE A 237 8.57 8.82 -6.15
N GLY A 238 7.99 9.89 -6.65
CA GLY A 238 7.11 9.75 -7.80
C GLY A 238 7.92 9.24 -8.98
N GLY A 239 7.40 8.21 -9.65
CA GLY A 239 8.17 7.57 -10.70
C GLY A 239 9.08 6.46 -10.22
N GLN A 240 9.10 6.21 -8.92
CA GLN A 240 9.96 5.14 -8.36
C GLN A 240 9.15 4.17 -7.55
N PRO A 241 8.16 3.53 -8.21
CA PRO A 241 7.27 2.56 -7.53
C PRO A 241 8.05 1.36 -6.96
N GLN A 242 9.28 1.15 -7.39
CA GLN A 242 10.04 0.04 -6.86
C GLN A 242 10.38 0.21 -5.36
N LYS A 243 10.35 1.44 -4.87
N LYS A 243 10.36 1.43 -4.86
CA LYS A 243 10.66 1.67 -3.47
CA LYS A 243 10.69 1.65 -3.44
C LYS A 243 9.33 1.74 -2.71
C LYS A 243 9.40 1.82 -2.65
N ILE A 244 9.19 0.98 -1.63
CA ILE A 244 7.94 1.05 -0.91
C ILE A 244 8.00 2.22 0.10
N LEU A 245 6.97 3.06 0.11
N LEU A 245 6.99 3.09 0.07
CA LEU A 245 6.92 4.19 1.06
CA LEU A 245 6.88 4.15 1.09
C LEU A 245 5.67 4.04 1.93
C LEU A 245 5.69 3.87 1.97
N ALA A 246 5.84 4.14 3.26
CA ALA A 246 4.68 4.10 4.17
C ALA A 246 4.68 5.41 4.93
N LEU A 247 3.60 6.17 4.79
CA LEU A 247 3.58 7.53 5.31
C LEU A 247 2.47 7.66 6.33
N GLU A 248 2.83 7.98 7.57
CA GLU A 248 1.83 8.16 8.61
C GLU A 248 1.91 9.62 9.00
N GLY A 250 -0.20 13.66 9.81
CA GLY A 250 -1.03 14.17 10.89
C GLY A 250 -2.49 14.27 10.49
N GLY A 251 -3.25 15.04 11.25
CA GLY A 251 -4.64 15.21 10.90
C GLY A 251 -5.19 16.53 11.44
N ASN A 252 -6.46 16.70 11.17
CA ASN A 252 -7.24 17.83 11.71
C ASN A 252 -8.50 17.18 12.24
N ASN A 253 -8.39 16.53 13.40
CA ASN A 253 -9.43 15.58 13.81
C ASN A 253 -10.60 16.21 14.50
N PRO A 254 -11.84 15.90 14.05
CA PRO A 254 -13.00 16.50 14.69
C PRO A 254 -13.59 15.59 15.76
N LEU A 255 -14.08 16.16 16.84
CA LEU A 255 -14.83 15.40 17.83
C LEU A 255 -16.19 16.08 17.93
N VAL A 256 -17.25 15.36 17.61
CA VAL A 256 -18.59 15.93 17.65
C VAL A 256 -19.21 15.60 18.98
N VAL A 257 -19.79 16.59 19.67
CA VAL A 257 -20.39 16.33 20.97
C VAL A 257 -21.87 16.70 20.96
N GLU A 258 -22.76 15.71 20.98
CA GLU A 258 -24.19 16.03 21.10
C GLU A 258 -24.55 16.20 22.56
N GLU A 259 -25.73 16.72 22.85
CA GLU A 259 -26.15 16.78 24.23
C GLU A 259 -26.23 15.36 24.81
N VAL A 260 -25.49 15.10 25.88
CA VAL A 260 -25.49 13.77 26.52
C VAL A 260 -25.81 13.92 28.01
N ALA A 261 -26.29 12.85 28.64
CA ALA A 261 -26.69 12.92 30.03
C ALA A 261 -25.53 13.16 31.01
N ASP A 262 -24.38 12.58 30.73
CA ASP A 262 -23.25 12.67 31.67
C ASP A 262 -22.32 13.80 31.27
N LEU A 263 -22.65 15.03 31.69
CA LEU A 263 -21.85 16.19 31.29
C LEU A 263 -20.41 16.10 31.79
N ASP A 264 -20.21 15.66 33.05
CA ASP A 264 -18.86 15.54 33.61
C ASP A 264 -18.03 14.59 32.77
N ALA A 265 -18.61 13.45 32.43
CA ALA A 265 -17.87 12.45 31.64
C ALA A 265 -17.54 13.01 30.26
N ALA A 266 -18.44 13.81 29.72
CA ALA A 266 -18.21 14.37 28.39
C ALA A 266 -17.02 15.29 28.44
N VAL A 267 -17.01 16.19 29.44
CA VAL A 267 -15.90 17.14 29.59
C VAL A 267 -14.57 16.41 29.76
N TYR A 268 -14.56 15.37 30.60
CA TYR A 268 -13.33 14.61 30.83
C TYR A 268 -12.85 14.00 29.54
N THR A 269 -13.79 13.40 28.81
CA THR A 269 -13.44 12.72 27.55
C THR A 269 -12.88 13.71 26.53
N ILE A 270 -13.45 14.92 26.52
CA ILE A 270 -12.92 15.95 25.61
C ILE A 270 -11.51 16.37 25.98
N ILE A 271 -11.31 16.62 27.27
CA ILE A 271 -9.95 16.94 27.75
C ILE A 271 -8.94 15.85 27.38
N GLN A 272 -9.28 14.59 27.61
CA GLN A 272 -8.33 13.50 27.23
C GLN A 272 -8.08 13.50 25.73
N SER A 273 -9.11 13.83 24.94
CA SER A 273 -8.99 13.82 23.48
C SER A 273 -8.17 14.99 22.97
N ALA A 274 -8.30 16.16 23.60
CA ALA A 274 -7.70 17.40 23.06
C ALA A 274 -6.34 17.74 23.64
N PHE A 275 -6.15 17.46 24.93
CA PHE A 275 -5.01 18.05 25.68
C PHE A 275 -4.03 17.02 26.25
N ILE A 276 -4.35 15.74 26.17
CA ILE A 276 -3.37 14.76 26.63
C ILE A 276 -2.11 14.95 25.79
N SER A 277 -0.92 14.75 26.39
CA SER A 277 0.36 15.02 25.70
C SER A 277 0.47 16.46 25.23
N ALA A 278 -0.19 17.38 25.92
CA ALA A 278 -0.24 18.77 25.50
C ALA A 278 -0.70 18.89 24.04
N GLY A 279 -1.62 18.03 23.62
CA GLY A 279 -2.15 18.08 22.27
C GLY A 279 -1.19 17.61 21.17
N GLN A 280 -0.15 16.90 21.55
CA GLN A 280 0.82 16.46 20.55
C GLN A 280 0.63 15.03 20.08
N ARG A 281 -0.50 14.39 20.31
CA ARG A 281 -0.70 13.09 19.64
C ARG A 281 -1.32 13.32 18.28
N CYS A 282 -1.02 12.47 17.29
CA CYS A 282 -1.62 12.77 16.01
C CYS A 282 -3.13 12.52 16.06
N THR A 283 -3.59 11.69 17.00
CA THR A 283 -5.05 11.53 17.14
C THR A 283 -5.78 12.59 18.00
N CYS A 284 -5.08 13.60 18.52
CA CYS A 284 -5.79 14.59 19.38
C CYS A 284 -6.92 15.30 18.63
N ALA A 285 -8.01 15.59 19.33
CA ALA A 285 -9.08 16.39 18.72
C ALA A 285 -8.53 17.78 18.45
N ARG A 286 -8.69 18.26 17.22
N ARG A 286 -8.66 18.23 17.20
CA ARG A 286 -8.27 19.61 16.84
CA ARG A 286 -8.26 19.58 16.80
C ARG A 286 -9.47 20.54 16.74
C ARG A 286 -9.46 20.52 16.77
N ARG A 287 -10.64 19.96 16.50
CA ARG A 287 -11.86 20.74 16.32
C ARG A 287 -12.94 20.06 17.12
N LEU A 288 -13.61 20.83 17.97
CA LEU A 288 -14.74 20.34 18.80
C LEU A 288 -16.01 20.94 18.23
N LEU A 289 -16.92 20.07 17.81
N LEU A 289 -16.92 20.06 17.82
CA LEU A 289 -18.16 20.51 17.21
CA LEU A 289 -18.16 20.50 17.22
C LEU A 289 -19.24 20.40 18.27
C LEU A 289 -19.24 20.41 18.28
N VAL A 290 -19.83 21.55 18.62
CA VAL A 290 -20.78 21.63 19.74
C VAL A 290 -22.08 22.24 19.25
N PRO A 291 -23.21 21.59 19.56
CA PRO A 291 -24.47 22.12 19.05
C PRO A 291 -24.72 23.55 19.58
N GLN A 292 -25.27 24.37 18.70
CA GLN A 292 -25.81 25.67 19.15
C GLN A 292 -26.82 25.50 20.28
N GLY A 293 -26.93 26.50 21.14
CA GLY A 293 -27.96 26.45 22.15
C GLY A 293 -27.42 26.34 23.56
N ALA A 294 -28.32 26.36 24.53
CA ALA A 294 -27.98 26.49 25.96
C ALA A 294 -27.12 25.34 26.48
N TRP A 295 -27.45 24.08 26.12
CA TRP A 295 -26.69 22.95 26.63
C TRP A 295 -25.26 23.04 26.13
N GLY A 296 -25.10 23.34 24.83
CA GLY A 296 -23.77 23.46 24.27
C GLY A 296 -22.99 24.58 24.93
N ASP A 297 -23.65 25.71 25.19
CA ASP A 297 -22.97 26.80 25.93
C ASP A 297 -22.52 26.31 27.30
N ALA A 298 -23.33 25.51 27.97
CA ALA A 298 -22.95 24.99 29.31
C ALA A 298 -21.78 24.01 29.25
N LEU A 299 -21.81 23.12 28.27
CA LEU A 299 -20.73 22.18 28.08
C LEU A 299 -19.42 22.94 27.96
N LEU A 300 -19.45 24.01 27.18
CA LEU A 300 -18.22 24.79 26.93
C LEU A 300 -17.81 25.58 28.16
N ALA A 301 -18.79 26.09 28.90
CA ALA A 301 -18.46 26.79 30.13
C ALA A 301 -17.76 25.86 31.11
N ARG A 302 -18.28 24.64 31.25
N ARG A 302 -18.26 24.63 31.25
CA ARG A 302 -17.62 23.64 32.11
CA ARG A 302 -17.60 23.69 32.14
C ARG A 302 -16.25 23.24 31.57
C ARG A 302 -16.25 23.18 31.58
N LEU A 303 -16.17 22.98 30.27
CA LEU A 303 -14.90 22.60 29.66
C LEU A 303 -13.82 23.65 29.93
N VAL A 304 -14.20 24.92 29.81
CA VAL A 304 -13.26 26.01 30.05
C VAL A 304 -12.84 26.03 31.51
N ALA A 305 -13.81 25.91 32.40
CA ALA A 305 -13.48 25.98 33.83
C ALA A 305 -12.52 24.86 34.23
N VAL A 306 -12.82 23.65 33.76
CA VAL A 306 -11.96 22.49 34.09
C VAL A 306 -10.62 22.60 33.41
N SER A 307 -10.61 23.04 32.17
CA SER A 307 -9.34 23.11 31.45
C SER A 307 -8.38 24.11 32.08
N ALA A 308 -8.92 25.20 32.63
CA ALA A 308 -8.11 26.21 33.30
C ALA A 308 -7.41 25.66 34.56
N THR A 309 -7.93 24.58 35.12
CA THR A 309 -7.34 24.03 36.36
C THR A 309 -6.38 22.86 36.12
N LEU A 310 -6.27 22.38 34.87
CA LEU A 310 -5.36 21.27 34.59
C LEU A 310 -3.93 21.63 34.95
N ARG A 311 -3.25 20.74 35.67
N ARG A 311 -3.24 20.73 35.65
CA ARG A 311 -1.85 20.96 36.05
CA ARG A 311 -1.86 20.98 36.03
C ARG A 311 -0.89 20.82 34.86
C ARG A 311 -0.90 20.82 34.84
N VAL A 312 -0.12 21.85 34.59
CA VAL A 312 0.86 21.83 33.49
C VAL A 312 2.23 22.07 34.11
N GLY A 313 3.22 21.25 33.79
CA GLY A 313 4.47 21.35 34.56
C GLY A 313 5.58 20.46 34.06
N ARG A 314 6.67 20.39 34.84
N ARG A 314 6.66 20.40 34.84
CA ARG A 314 7.83 19.61 34.42
CA ARG A 314 7.84 19.63 34.45
C ARG A 314 7.55 18.13 34.51
C ARG A 314 7.57 18.13 34.53
N PHE A 315 8.30 17.35 33.72
CA PHE A 315 8.04 15.91 33.60
C PHE A 315 8.07 15.17 34.91
N ASP A 316 8.94 15.60 35.82
CA ASP A 316 9.14 14.89 37.09
C ASP A 316 8.61 15.65 38.30
N GLU A 317 7.78 16.66 38.05
CA GLU A 317 7.16 17.45 39.10
C GLU A 317 6.23 16.55 39.94
N GLN A 318 6.11 16.86 41.23
CA GLN A 318 5.13 16.22 42.09
C GLN A 318 4.47 17.36 42.84
N PRO A 319 3.12 17.38 42.95
CA PRO A 319 2.15 16.42 42.39
C PRO A 319 2.32 16.36 40.87
N ALA A 320 2.02 15.21 40.26
CA ALA A 320 2.24 14.99 38.84
C ALA A 320 1.35 15.91 38.00
N PRO A 321 1.90 16.56 36.97
CA PRO A 321 1.05 17.34 36.06
C PRO A 321 0.24 16.43 35.13
N PHE A 322 -0.89 16.96 34.66
CA PHE A 322 -1.63 16.29 33.60
C PHE A 322 -0.84 16.34 32.31
N GLY A 324 2.68 18.18 30.00
CA GLY A 324 3.96 18.86 30.07
C GLY A 324 4.08 19.89 28.95
N ALA A 325 5.30 20.30 28.68
CA ALA A 325 5.61 21.32 27.67
C ALA A 325 5.37 20.81 26.26
N VAL A 326 5.21 21.72 25.30
CA VAL A 326 5.39 21.26 23.91
C VAL A 326 6.90 21.16 23.63
N ILE A 327 7.25 20.68 22.44
CA ILE A 327 8.58 20.04 22.25
C ILE A 327 9.71 21.08 22.26
N SER A 328 9.41 22.32 21.90
CA SER A 328 10.49 23.33 21.85
C SER A 328 9.91 24.75 21.99
N LEU A 329 10.77 25.72 22.31
CA LEU A 329 10.32 27.11 22.31
C LEU A 329 9.78 27.55 20.95
N SER A 330 10.40 27.06 19.89
CA SER A 330 9.95 27.38 18.55
C SER A 330 8.51 26.89 18.31
N ALA A 331 8.23 25.66 18.72
CA ALA A 331 6.91 25.10 18.58
C ALA A 331 5.89 25.93 19.35
N ALA A 332 6.26 26.32 20.58
CA ALA A 332 5.39 27.13 21.45
C ALA A 332 5.08 28.47 20.78
N GLU A 333 6.07 29.15 20.22
N GLU A 333 6.12 29.09 20.23
CA GLU A 333 5.72 30.41 19.55
CA GLU A 333 5.97 30.33 19.47
C GLU A 333 4.85 30.21 18.30
C GLU A 333 4.96 30.21 18.33
N HIS A 334 5.10 29.16 17.54
CA HIS A 334 4.27 28.90 16.38
C HIS A 334 2.81 28.73 16.83
N LEU A 335 2.59 28.05 17.94
CA LEU A 335 1.21 27.82 18.38
C LEU A 335 0.56 29.12 18.84
N LEU A 336 1.30 29.89 19.64
CA LEU A 336 0.79 31.19 20.09
C LEU A 336 0.49 32.12 18.91
N LYS A 337 1.38 32.12 17.92
CA LYS A 337 1.10 32.93 16.74
C LYS A 337 -0.17 32.48 16.07
N ALA A 338 -0.38 31.17 16.02
CA ALA A 338 -1.59 30.64 15.39
C ALA A 338 -2.85 31.10 16.14
N GLN A 339 -2.80 31.07 17.46
CA GLN A 339 -3.90 31.58 18.25
C GLN A 339 -4.14 33.07 17.99
N GLU A 340 -3.07 33.85 18.00
CA GLU A 340 -3.20 35.28 17.75
C GLU A 340 -3.86 35.55 16.38
N HIS A 341 -3.40 34.82 15.36
N HIS A 341 -3.41 34.82 15.36
CA HIS A 341 -3.88 35.01 13.99
CA HIS A 341 -3.90 35.10 14.02
C HIS A 341 -5.37 34.71 13.91
C HIS A 341 -5.37 34.68 13.85
N LEU A 342 -5.76 33.58 14.48
CA LEU A 342 -7.17 33.19 14.47
C LEU A 342 -8.09 34.23 15.17
N ILE A 343 -7.68 34.72 16.32
CA ILE A 343 -8.48 35.73 17.04
C ILE A 343 -8.53 37.01 16.23
N GLY A 344 -7.41 37.33 15.60
CA GLY A 344 -7.38 38.45 14.65
C GLY A 344 -8.45 38.36 13.59
N LYS A 345 -8.68 37.13 13.09
CA LYS A 345 -9.67 36.88 12.06
C LYS A 345 -11.07 36.67 12.59
N GLY A 346 -11.26 36.82 13.89
CA GLY A 346 -12.62 36.74 14.41
C GLY A 346 -12.92 35.62 15.39
N ALA A 347 -11.94 34.77 15.65
CA ALA A 347 -12.14 33.70 16.64
C ALA A 347 -12.29 34.32 18.02
N GLN A 348 -13.08 33.71 18.91
CA GLN A 348 -13.26 34.25 20.24
C GLN A 348 -12.55 33.34 21.24
N PRO A 349 -11.65 33.90 22.06
CA PRO A 349 -10.95 33.07 23.04
C PRO A 349 -11.85 32.65 24.19
N LEU A 350 -12.43 31.46 24.16
CA LEU A 350 -13.15 30.98 25.35
C LEU A 350 -12.16 30.73 26.50
N LEU A 351 -10.99 30.22 26.16
CA LEU A 351 -9.89 30.10 27.10
C LEU A 351 -8.61 30.37 26.34
N ALA A 352 -7.98 31.49 26.64
CA ALA A 352 -6.76 31.82 25.89
C ALA A 352 -5.59 30.94 26.35
N THR A 354 -1.83 30.28 27.18
CA THR A 354 -0.80 31.19 27.63
C THR A 354 0.54 30.45 27.74
N GLN A 355 1.63 31.20 27.89
CA GLN A 355 2.96 30.64 28.12
C GLN A 355 3.38 31.22 29.45
N PRO A 356 3.03 30.53 30.54
CA PRO A 356 3.09 31.15 31.85
C PRO A 356 4.52 31.44 32.29
N ILE A 357 5.49 30.68 31.79
CA ILE A 357 6.88 30.88 32.24
C ILE A 357 7.77 31.32 31.08
N ASP A 358 8.34 32.51 31.19
CA ASP A 358 9.13 33.04 30.09
C ASP A 358 10.30 32.12 29.91
N GLY A 359 10.63 31.85 28.65
CA GLY A 359 11.78 31.01 28.35
C GLY A 359 11.55 29.50 28.44
N ALA A 360 10.32 29.06 28.68
CA ALA A 360 9.97 27.64 28.82
C ALA A 360 8.81 27.35 27.89
N ALA A 361 8.80 26.14 27.29
CA ALA A 361 7.79 25.79 26.30
C ALA A 361 6.52 25.22 26.94
N LEU A 362 6.26 25.55 28.21
CA LEU A 362 5.00 25.18 28.85
C LEU A 362 3.90 26.08 28.29
N LEU A 363 2.81 25.47 27.82
CA LEU A 363 1.63 26.20 27.37
C LEU A 363 0.40 25.68 28.09
N THR A 364 -0.46 26.61 28.51
CA THR A 364 -1.73 26.19 29.09
C THR A 364 -2.75 25.97 27.95
N PRO A 365 -3.78 25.17 28.19
CA PRO A 365 -4.69 24.80 27.09
C PRO A 365 -5.43 26.01 26.49
N GLY A 366 -5.64 25.98 25.18
CA GLY A 366 -6.41 26.99 24.47
C GLY A 366 -7.73 26.43 23.96
N ILE A 367 -8.83 27.19 24.11
CA ILE A 367 -10.11 26.82 23.48
C ILE A 367 -10.63 28.07 22.76
N LEU A 368 -10.70 28.00 21.43
N LEU A 368 -10.68 28.05 21.43
CA LEU A 368 -11.09 29.14 20.60
CA LEU A 368 -11.16 29.25 20.74
C LEU A 368 -12.35 28.83 19.81
C LEU A 368 -12.27 28.97 19.74
N ASP A 369 -13.37 29.70 19.91
CA ASP A 369 -14.54 29.54 19.08
C ASP A 369 -14.27 30.15 17.71
N VAL A 370 -14.18 29.31 16.69
CA VAL A 370 -13.81 29.80 15.35
C VAL A 370 -15.02 29.89 14.43
N SER A 371 -16.22 29.82 15.01
CA SER A 371 -17.42 29.70 14.18
C SER A 371 -17.54 30.87 13.20
N ALA A 372 -17.14 32.06 13.65
CA ALA A 372 -17.31 33.29 12.86
C ALA A 372 -16.14 33.57 11.94
N VAL A 373 -15.15 32.68 11.95
CA VAL A 373 -13.96 32.90 11.13
C VAL A 373 -14.30 32.47 9.69
N ALA A 374 -14.12 33.39 8.75
CA ALA A 374 -14.49 33.17 7.35
C ALA A 374 -13.83 31.98 6.69
N GLU A 375 -12.54 32.08 6.40
N GLU A 375 -12.54 32.10 6.42
CA GLU A 375 -11.86 31.02 5.64
CA GLU A 375 -11.80 31.07 5.72
C GLU A 375 -10.91 30.26 6.55
C GLU A 375 -10.95 30.42 6.76
N ARG A 376 -11.46 29.35 7.34
CA ARG A 376 -10.69 28.67 8.36
C ARG A 376 -9.67 27.76 7.74
N PRO A 377 -8.39 28.00 8.05
CA PRO A 377 -7.23 27.15 7.75
C PRO A 377 -7.57 25.69 8.02
N ASP A 378 -7.16 24.82 7.13
CA ASP A 378 -7.36 23.37 7.32
C ASP A 378 -5.98 22.90 7.67
N GLU A 379 -5.58 23.18 8.90
CA GLU A 379 -4.19 23.11 9.23
C GLU A 379 -4.08 22.36 10.54
N GLU A 380 -3.02 21.59 10.64
CA GLU A 380 -2.82 20.90 11.90
C GLU A 380 -1.99 21.77 12.85
N PHE A 381 -2.55 22.10 14.01
CA PHE A 381 -1.83 22.84 15.06
C PHE A 381 -1.43 21.78 16.08
N PHE A 382 -0.15 21.41 16.08
CA PHE A 382 0.36 20.37 16.95
C PHE A 382 0.64 20.84 18.40
N GLY A 383 -0.42 21.06 19.16
CA GLY A 383 -0.25 21.57 20.51
C GLY A 383 -1.64 21.67 21.09
N PRO A 384 -1.75 22.23 22.31
CA PRO A 384 -3.02 22.17 23.03
C PRO A 384 -3.92 23.37 22.69
N LEU A 385 -4.30 23.49 21.42
CA LEU A 385 -5.12 24.61 20.94
C LEU A 385 -6.34 24.00 20.28
N LEU A 386 -7.47 23.97 21.00
CA LEU A 386 -8.68 23.33 20.48
C LEU A 386 -9.62 24.35 19.83
N GLN A 387 -10.06 24.08 18.59
CA GLN A 387 -10.94 25.00 17.91
C GLN A 387 -12.37 24.50 18.06
N VAL A 388 -13.29 25.41 18.34
CA VAL A 388 -14.68 25.02 18.58
C VAL A 388 -15.52 25.58 17.45
N ILE A 389 -16.41 24.77 16.89
CA ILE A 389 -17.38 25.23 15.87
C ILE A 389 -18.74 24.85 16.37
N ARG A 390 -19.68 25.82 16.42
CA ARG A 390 -21.05 25.56 16.90
C ARG A 390 -21.88 25.20 15.71
N TYR A 391 -22.70 24.14 15.79
CA TYR A 391 -23.41 23.71 14.60
C TYR A 391 -24.90 23.72 14.79
N SER A 392 -25.64 23.79 13.69
CA SER A 392 -27.09 23.96 13.81
C SER A 392 -27.79 22.60 13.99
N ASP A 393 -27.39 21.60 13.22
CA ASP A 393 -28.01 20.29 13.27
C ASP A 393 -26.99 19.23 12.96
N PHE A 394 -27.35 17.98 13.17
CA PHE A 394 -26.38 16.91 13.04
C PHE A 394 -25.79 16.88 11.63
N ALA A 395 -26.60 17.17 10.61
CA ALA A 395 -26.06 17.10 9.25
C ALA A 395 -24.96 18.15 9.07
N ALA A 396 -25.15 19.31 9.71
CA ALA A 396 -24.14 20.37 9.67
C ALA A 396 -22.89 19.93 10.41
N ALA A 397 -23.05 19.16 11.48
CA ALA A 397 -21.88 18.67 12.23
C ALA A 397 -21.04 17.74 11.37
N ILE A 398 -21.71 16.80 10.69
CA ILE A 398 -21.03 15.88 9.78
C ILE A 398 -20.31 16.61 8.64
N ARG A 399 -21.00 17.57 8.03
N ARG A 399 -20.98 17.60 8.06
CA ARG A 399 -20.40 18.36 6.98
CA ARG A 399 -20.40 18.34 6.95
C ARG A 399 -19.11 19.00 7.48
C ARG A 399 -19.17 19.14 7.41
N GLU A 400 -19.21 19.68 8.62
CA GLU A 400 -18.02 20.36 9.15
C GLU A 400 -16.96 19.33 9.51
N ALA A 401 -17.35 18.20 10.10
CA ALA A 401 -16.34 17.20 10.50
C ALA A 401 -15.53 16.80 9.26
N ASN A 402 -16.21 16.71 8.12
CA ASN A 402 -15.58 16.16 6.92
C ASN A 402 -14.93 17.24 6.05
N ALA A 403 -15.07 18.50 6.46
CA ALA A 403 -14.52 19.61 5.70
C ALA A 403 -13.04 19.76 6.00
N THR A 404 -12.27 18.78 5.59
CA THR A 404 -10.83 18.79 5.81
C THR A 404 -10.19 17.90 4.75
N GLN A 405 -8.96 18.23 4.36
CA GLN A 405 -8.21 17.33 3.49
C GLN A 405 -7.68 16.10 4.27
N TYR A 406 -7.67 16.15 5.61
CA TYR A 406 -7.06 15.09 6.45
C TYR A 406 -8.10 14.02 6.72
N GLY A 407 -7.71 12.97 7.44
CA GLY A 407 -8.62 11.84 7.65
C GLY A 407 -8.08 10.84 8.65
N LEU A 408 -7.52 11.33 9.75
N LEU A 408 -7.50 11.34 9.74
CA LEU A 408 -6.89 10.37 10.67
CA LEU A 408 -6.87 10.43 10.69
C LEU A 408 -7.92 9.84 11.67
C LEU A 408 -7.90 9.85 11.66
N ALA A 409 -8.48 10.71 12.51
CA ALA A 409 -9.39 10.23 13.56
C ALA A 409 -10.63 11.12 13.60
N ALA A 410 -11.73 10.56 14.06
CA ALA A 410 -12.91 11.38 14.24
C ALA A 410 -13.69 10.72 15.37
N GLY A 411 -14.49 11.47 16.13
CA GLY A 411 -15.29 10.80 17.13
C GLY A 411 -16.61 11.50 17.42
N LEU A 412 -17.52 10.77 18.07
CA LEU A 412 -18.81 11.31 18.40
C LEU A 412 -19.08 11.00 19.87
N LEU A 413 -19.49 12.01 20.64
CA LEU A 413 -20.03 11.73 21.96
C LEU A 413 -21.52 11.88 21.80
N SER A 414 -22.26 10.78 22.03
CA SER A 414 -23.69 10.84 21.87
C SER A 414 -24.29 9.66 22.60
N ASP A 415 -25.46 9.87 23.19
CA ASP A 415 -26.18 8.75 23.81
C ASP A 415 -26.97 7.91 22.78
N SER A 416 -26.96 8.34 21.51
CA SER A 416 -27.75 7.64 20.48
C SER A 416 -26.93 6.65 19.63
N ARG A 417 -27.21 5.36 19.72
CA ARG A 417 -26.50 4.42 18.84
C ARG A 417 -26.78 4.69 17.35
N GLU A 418 -28.03 5.05 17.05
CA GLU A 418 -28.43 5.41 15.72
C GLU A 418 -27.59 6.56 15.17
N ARG A 419 -27.35 7.59 16.00
CA ARG A 419 -26.49 8.69 15.56
C ARG A 419 -25.06 8.17 15.30
N PHE A 420 -24.58 7.23 16.11
CA PHE A 420 -23.24 6.74 15.84
C PHE A 420 -23.18 5.93 14.53
N GLU A 421 -24.22 5.13 14.29
N GLU A 421 -24.21 5.13 14.28
CA GLU A 421 -24.30 4.35 13.06
CA GLU A 421 -24.28 4.36 13.04
C GLU A 421 -24.22 5.27 11.83
C GLU A 421 -24.19 5.29 11.84
N GLN A 422 -24.94 6.38 11.89
CA GLN A 422 -24.92 7.32 10.79
C GLN A 422 -23.55 7.98 10.68
N PHE A 423 -22.97 8.31 11.83
CA PHE A 423 -21.63 8.90 11.87
C PHE A 423 -20.60 7.97 11.20
N LEU A 424 -20.67 6.67 11.48
N LEU A 424 -20.73 6.69 11.48
CA LEU A 424 -19.77 5.70 10.84
CA LEU A 424 -19.86 5.68 10.91
C LEU A 424 -19.95 5.71 9.34
C LEU A 424 -19.97 5.63 9.39
N VAL A 425 -21.20 5.77 8.90
CA VAL A 425 -21.47 5.68 7.47
C VAL A 425 -20.84 6.86 6.74
N GLU A 426 -20.92 8.04 7.35
CA GLU A 426 -20.51 9.26 6.69
C GLU A 426 -19.10 9.73 7.02
N SER A 427 -18.47 9.09 7.99
N SER A 427 -18.47 9.10 8.00
CA SER A 427 -17.13 9.47 8.44
CA SER A 427 -17.14 9.50 8.43
C SER A 427 -16.07 9.20 7.37
C SER A 427 -16.05 9.17 7.41
N ARG A 428 -14.96 9.92 7.47
CA ARG A 428 -13.87 9.75 6.52
C ARG A 428 -12.59 9.80 7.32
N ALA A 429 -12.38 8.76 8.11
CA ALA A 429 -11.20 8.68 8.96
C ALA A 429 -10.85 7.23 9.28
N GLY A 430 -9.58 6.99 9.60
CA GLY A 430 -9.15 5.62 9.91
C GLY A 430 -9.45 5.20 11.33
N ILE A 431 -9.76 6.17 12.18
CA ILE A 431 -10.10 5.88 13.57
C ILE A 431 -11.43 6.62 13.84
N VAL A 432 -12.45 5.91 14.31
CA VAL A 432 -13.73 6.56 14.47
C VAL A 432 -14.34 6.04 15.77
N ASN A 433 -14.36 6.86 16.82
CA ASN A 433 -14.73 6.35 18.14
C ASN A 433 -16.10 6.83 18.61
N TRP A 434 -16.77 6.03 19.43
CA TRP A 434 -18.08 6.43 19.96
C TRP A 434 -17.96 6.50 21.48
N ASN A 435 -18.12 7.71 22.02
CA ASN A 435 -18.11 7.92 23.45
C ASN A 435 -16.79 7.57 24.13
N LYS A 436 -15.71 7.57 23.38
CA LYS A 436 -14.39 7.21 23.93
C LYS A 436 -13.42 8.26 23.42
N GLN A 437 -12.40 8.58 24.20
CA GLN A 437 -11.46 9.63 23.81
C GLN A 437 -10.80 9.27 22.50
N LEU A 438 -10.44 10.28 21.70
N LEU A 438 -10.43 10.27 21.69
CA LEU A 438 -9.89 10.08 20.37
CA LEU A 438 -9.91 9.99 20.35
C LEU A 438 -8.53 9.42 20.45
C LEU A 438 -8.51 9.43 20.44
N THR A 439 -7.85 9.70 21.56
CA THR A 439 -6.47 9.34 21.75
C THR A 439 -6.32 7.91 22.27
N GLY A 440 -5.10 7.38 22.21
CA GLY A 440 -4.82 6.06 22.75
C GLY A 440 -5.38 4.85 21.99
N ALA A 441 -5.09 4.77 20.70
CA ALA A 441 -5.54 3.64 19.87
C ALA A 441 -4.79 2.32 20.20
N ALA A 442 -5.47 1.20 20.01
CA ALA A 442 -4.91 -0.15 20.29
C ALA A 442 -3.87 -0.64 19.26
N SER A 443 -2.76 -1.21 19.72
CA SER A 443 -1.80 -1.81 18.79
C SER A 443 -2.42 -3.01 18.09
N SER A 444 -3.46 -3.57 18.69
CA SER A 444 -4.08 -4.76 18.07
C SER A 444 -4.96 -4.43 16.84
N ALA A 445 -5.17 -3.15 16.54
CA ALA A 445 -5.92 -2.80 15.34
C ALA A 445 -5.03 -1.98 14.41
N PRO A 446 -5.39 -1.93 13.13
CA PRO A 446 -4.63 -1.10 12.18
C PRO A 446 -4.76 0.37 12.55
N PHE A 447 -3.75 1.15 12.20
CA PHE A 447 -3.75 2.55 12.56
C PHE A 447 -3.29 3.26 11.31
N GLY A 448 -4.24 3.82 10.57
CA GLY A 448 -3.87 4.55 9.38
C GLY A 448 -4.91 5.60 9.03
N GLY A 449 -4.43 6.80 8.73
CA GLY A 449 -5.35 7.85 8.33
C GLY A 449 -5.54 7.87 6.81
N ILE A 450 -6.66 8.44 6.37
CA ILE A 450 -6.92 8.58 4.93
C ILE A 450 -6.75 10.04 4.50
N GLY A 451 -7.05 10.35 3.25
CA GLY A 451 -6.84 11.70 2.74
C GLY A 451 -5.38 12.05 2.94
N ALA A 452 -5.10 13.28 3.39
CA ALA A 452 -3.74 13.76 3.54
C ALA A 452 -3.01 13.13 4.72
N SER A 453 -3.72 12.32 5.50
CA SER A 453 -3.10 11.72 6.69
C SER A 453 -2.33 10.42 6.44
N GLY A 454 -2.41 9.84 5.24
CA GLY A 454 -1.67 8.63 4.97
C GLY A 454 -1.45 8.40 3.47
N ASN A 455 -0.83 7.27 3.13
CA ASN A 455 -0.78 6.79 1.73
C ASN A 455 -1.26 5.35 1.65
N HIS A 456 -2.35 5.07 2.36
N HIS A 456 -2.37 5.09 2.36
CA HIS A 456 -2.99 3.74 2.27
CA HIS A 456 -3.01 3.76 2.37
C HIS A 456 -2.03 2.61 2.64
C HIS A 456 -2.04 2.62 2.65
N ARG A 457 -1.16 2.88 3.60
CA ARG A 457 -0.30 1.87 4.18
C ARG A 457 -0.40 1.96 5.71
N PRO A 458 -1.54 1.54 6.27
CA PRO A 458 -1.79 1.73 7.71
C PRO A 458 -0.76 0.97 8.50
N SER A 459 -0.43 1.46 9.69
CA SER A 459 0.58 0.81 10.50
C SER A 459 -0.11 0.15 11.69
N ALA A 460 0.59 0.08 12.82
CA ALA A 460 0.13 -0.75 13.95
C ALA A 460 -0.15 -2.14 13.42
N TYR A 461 -1.35 -2.69 13.61
CA TYR A 461 -1.54 -4.11 13.30
C TYR A 461 -1.22 -4.44 11.83
N TYR A 462 -1.57 -3.55 10.90
CA TYR A 462 -1.28 -3.83 9.49
C TYR A 462 0.11 -3.40 9.06
N ALA A 463 0.97 -2.97 9.98
CA ALA A 463 2.37 -2.69 9.58
C ALA A 463 3.01 -3.90 8.86
N ALA A 464 2.62 -5.08 9.28
CA ALA A 464 3.09 -6.29 8.61
C ALA A 464 2.99 -6.22 7.09
N ASP A 465 1.87 -5.65 6.60
CA ASP A 465 1.58 -5.62 5.18
C ASP A 465 2.66 -4.90 4.38
N TYR A 466 3.23 -3.84 4.94
CA TYR A 466 4.28 -3.12 4.21
C TYR A 466 5.69 -3.59 4.53
N CYS A 467 5.81 -4.54 5.48
CA CYS A 467 7.15 -5.03 5.85
C CYS A 467 7.55 -6.28 5.07
N ALA A 468 6.59 -6.89 4.36
CA ALA A 468 6.94 -8.08 3.56
C ALA A 468 6.02 -8.12 2.34
N TYR A 469 6.50 -8.75 1.25
CA TYR A 469 5.68 -8.93 0.06
C TYR A 469 5.33 -10.41 -0.12
N PRO A 470 4.15 -10.68 -0.66
CA PRO A 470 3.75 -12.09 -0.84
C PRO A 470 4.52 -12.73 -1.99
N VAL A 471 4.85 -14.00 -1.84
CA VAL A 471 5.40 -14.79 -2.93
C VAL A 471 4.53 -16.00 -3.10
N ALA A 472 3.88 -16.12 -4.26
CA ALA A 472 2.98 -17.25 -4.52
C ALA A 472 3.77 -18.30 -5.29
N SER A 473 3.66 -19.54 -4.85
CA SER A 473 4.44 -20.63 -5.50
C SER A 473 3.53 -21.79 -5.84
N LEU A 474 3.71 -22.34 -7.04
N LEU A 474 3.71 -22.35 -7.02
CA LEU A 474 3.13 -23.63 -7.36
CA LEU A 474 3.11 -23.64 -7.31
C LEU A 474 4.32 -24.59 -7.42
C LEU A 474 4.28 -24.60 -7.45
N GLU A 475 4.23 -25.70 -6.69
CA GLU A 475 5.36 -26.59 -6.54
C GLU A 475 4.99 -28.04 -6.87
N SER A 476 5.89 -28.70 -7.57
CA SER A 476 5.78 -30.13 -7.83
C SER A 476 7.19 -30.71 -7.76
N PRO A 477 7.33 -31.94 -7.23
CA PRO A 477 8.67 -32.56 -7.07
C PRO A 477 9.37 -32.85 -8.43
N SER A 478 8.63 -32.86 -9.53
CA SER A 478 9.27 -32.98 -10.84
C SER A 478 8.37 -32.46 -11.92
N VAL A 479 8.95 -32.00 -13.04
CA VAL A 479 8.14 -31.60 -14.20
C VAL A 479 7.37 -32.83 -14.71
N SER A 480 6.18 -32.63 -15.22
CA SER A 480 5.45 -33.75 -15.80
C SER A 480 4.54 -33.26 -16.89
N LEU A 481 4.01 -34.20 -17.67
CA LEU A 481 3.03 -33.92 -18.72
C LEU A 481 1.61 -34.04 -18.20
N PRO A 482 0.71 -33.20 -18.71
CA PRO A 482 -0.71 -33.27 -18.35
C PRO A 482 -1.34 -34.48 -18.98
N ALA A 483 -2.45 -34.96 -18.43
CA ALA A 483 -3.15 -36.09 -19.04
C ALA A 483 -3.66 -35.70 -20.41
N THR A 484 -4.00 -34.43 -20.56
CA THR A 484 -4.38 -33.89 -21.86
C THR A 484 -3.56 -32.65 -22.17
N LEU A 485 -2.84 -32.67 -23.29
CA LEU A 485 -2.09 -31.49 -23.73
C LEU A 485 -3.03 -30.35 -24.18
N THR A 486 -2.58 -29.09 -24.05
CA THR A 486 -3.26 -28.00 -24.73
C THR A 486 -3.39 -28.29 -26.24
N PRO A 487 -4.44 -27.75 -26.88
CA PRO A 487 -4.59 -27.91 -28.32
C PRO A 487 -3.39 -27.38 -29.10
N GLY A 488 -3.20 -27.91 -30.29
CA GLY A 488 -2.25 -27.31 -31.22
C GLY A 488 -0.82 -27.75 -31.01
N ILE A 489 -0.61 -28.71 -30.12
CA ILE A 489 0.73 -29.26 -29.87
C ILE A 489 0.82 -30.68 -30.42
N SER B 6 -23.94 3.39 -29.50
CA SER B 6 -23.95 3.05 -28.08
C SER B 6 -22.53 2.68 -27.67
N THR B 7 -21.74 3.70 -27.36
CA THR B 7 -20.31 3.54 -27.14
C THR B 7 -19.91 3.59 -25.67
N HIS B 8 -20.35 4.62 -24.98
CA HIS B 8 -20.03 4.80 -23.56
C HIS B 8 -21.25 4.46 -22.71
N TYR B 9 -21.01 4.02 -21.47
CA TYR B 9 -22.13 3.70 -20.59
C TYR B 9 -21.94 4.52 -19.35
N ILE B 10 -22.79 5.52 -19.16
CA ILE B 10 -22.56 6.47 -18.08
C ILE B 10 -23.87 6.70 -17.35
N ALA B 11 -23.85 6.58 -16.03
CA ALA B 11 -25.06 6.85 -15.23
C ALA B 11 -26.22 6.00 -15.74
N GLY B 12 -25.93 4.78 -16.16
CA GLY B 12 -26.96 3.80 -16.43
C GLY B 12 -27.57 3.85 -17.82
N GLN B 13 -26.99 4.64 -18.73
CA GLN B 13 -27.45 4.64 -20.13
C GLN B 13 -26.28 4.72 -21.09
N TRP B 14 -26.50 4.25 -22.31
CA TRP B 14 -25.48 4.33 -23.34
C TRP B 14 -25.51 5.66 -24.09
N LEU B 15 -24.38 6.07 -24.62
CA LEU B 15 -24.36 7.29 -25.42
C LEU B 15 -23.22 7.29 -26.41
N ALA B 16 -23.32 8.12 -27.43
CA ALA B 16 -22.29 8.18 -28.47
C ALA B 16 -21.12 9.00 -27.96
N GLY B 17 -19.94 8.72 -28.50
CA GLY B 17 -18.76 9.46 -28.11
C GLY B 17 -18.70 10.77 -28.88
N GLN B 18 -17.95 11.73 -28.35
N GLN B 18 -17.95 11.72 -28.32
CA GLN B 18 -17.74 12.98 -29.04
CA GLN B 18 -17.74 13.01 -28.96
C GLN B 18 -16.28 13.21 -29.40
C GLN B 18 -16.28 13.25 -29.32
N GLY B 19 -15.41 12.33 -28.92
CA GLY B 19 -13.99 12.41 -29.24
C GLY B 19 -13.60 11.70 -30.55
N GLU B 20 -12.31 11.40 -30.70
CA GLU B 20 -11.83 10.81 -31.95
C GLU B 20 -12.37 9.41 -32.19
N THR B 21 -12.75 9.10 -33.44
CA THR B 21 -13.18 7.75 -33.78
C THR B 21 -12.05 6.76 -33.46
N LEU B 22 -12.43 5.62 -32.88
CA LEU B 22 -11.50 4.54 -32.52
C LEU B 22 -12.03 3.31 -33.22
N GLU B 23 -11.15 2.52 -33.84
CA GLU B 23 -11.55 1.24 -34.43
C GLU B 23 -10.66 0.16 -33.87
N SER B 24 -11.22 -1.01 -33.56
CA SER B 24 -10.34 -2.15 -33.27
C SER B 24 -10.42 -3.08 -34.46
N LEU B 25 -9.29 -3.69 -34.77
CA LEU B 25 -9.12 -4.49 -35.97
C LEU B 25 -8.75 -5.91 -35.60
N ASP B 26 -9.36 -6.87 -36.28
CA ASP B 26 -8.95 -8.27 -36.18
C ASP B 26 -7.46 -8.35 -36.50
N PRO B 27 -6.65 -8.89 -35.56
CA PRO B 27 -5.19 -8.91 -35.74
C PRO B 27 -4.71 -9.68 -36.97
N VAL B 28 -5.53 -10.59 -37.47
CA VAL B 28 -5.10 -11.39 -38.62
C VAL B 28 -5.56 -10.73 -39.91
N GLY B 29 -6.88 -10.68 -40.12
CA GLY B 29 -7.46 -10.20 -41.36
C GLY B 29 -7.66 -8.70 -41.44
N GLN B 30 -7.46 -8.00 -40.33
CA GLN B 30 -7.55 -6.52 -40.29
C GLN B 30 -8.94 -5.89 -40.45
N GLY B 31 -9.99 -6.72 -40.51
CA GLY B 31 -11.35 -6.21 -40.55
C GLY B 31 -11.71 -5.44 -39.29
N VAL B 32 -12.55 -4.42 -39.46
CA VAL B 32 -12.98 -3.62 -38.30
C VAL B 32 -13.89 -4.48 -37.44
N VAL B 33 -13.53 -4.62 -36.18
CA VAL B 33 -14.28 -5.46 -35.27
C VAL B 33 -15.26 -4.60 -34.46
N TRP B 34 -14.89 -3.34 -34.24
CA TRP B 34 -15.69 -2.43 -33.38
C TRP B 34 -15.25 -1.02 -33.72
N SER B 35 -16.17 -0.06 -33.69
CA SER B 35 -15.74 1.31 -33.82
C SER B 35 -16.70 2.19 -33.06
N GLY B 36 -16.23 3.38 -32.72
CA GLY B 36 -17.02 4.32 -31.96
C GLY B 36 -16.15 5.51 -31.68
N ARG B 37 -16.73 6.62 -31.26
CA ARG B 37 -15.93 7.77 -30.90
C ARG B 37 -15.51 7.69 -29.44
N GLY B 38 -14.25 8.01 -29.17
CA GLY B 38 -13.79 8.02 -27.79
C GLY B 38 -14.51 9.05 -26.94
N ALA B 39 -14.40 8.89 -25.62
CA ALA B 39 -14.99 9.83 -24.70
C ALA B 39 -14.13 11.09 -24.65
N ASP B 40 -14.71 12.27 -24.90
CA ASP B 40 -13.91 13.49 -24.70
C ASP B 40 -13.83 13.87 -23.20
N ALA B 41 -13.10 14.94 -22.87
CA ALA B 41 -12.92 15.32 -21.46
C ALA B 41 -14.26 15.57 -20.76
N THR B 42 -15.20 16.16 -21.47
CA THR B 42 -16.52 16.41 -20.92
C THR B 42 -17.24 15.11 -20.52
N GLN B 43 -17.14 14.11 -21.39
CA GLN B 43 -17.83 12.84 -21.13
C GLN B 43 -17.11 12.08 -20.04
N VAL B 44 -15.80 12.19 -20.02
CA VAL B 44 -15.02 11.62 -18.90
C VAL B 44 -15.50 12.25 -17.57
N ASP B 45 -15.66 13.57 -17.53
N ASP B 45 -15.64 13.58 -17.58
CA ASP B 45 -16.18 14.18 -16.31
CA ASP B 45 -16.21 14.31 -16.44
C ASP B 45 -17.57 13.66 -15.95
C ASP B 45 -17.54 13.69 -15.99
N ALA B 46 -18.41 13.45 -16.98
CA ALA B 46 -19.74 12.91 -16.71
C ALA B 46 -19.65 11.53 -16.09
N ALA B 47 -18.72 10.70 -16.59
CA ALA B 47 -18.52 9.37 -16.03
C ALA B 47 -18.08 9.44 -14.56
N VAL B 48 -17.12 10.31 -14.24
CA VAL B 48 -16.68 10.42 -12.84
C VAL B 48 -17.82 10.93 -11.95
N CYS B 49 -18.57 11.92 -12.44
N CYS B 49 -18.56 11.93 -12.45
CA CYS B 49 -19.67 12.47 -11.66
CA CYS B 49 -19.71 12.49 -11.73
C CYS B 49 -20.80 11.45 -11.44
C CYS B 49 -20.75 11.43 -11.43
N ALA B 50 -20.96 10.53 -12.39
CA ALA B 50 -21.97 9.48 -12.29
C ALA B 50 -21.60 8.54 -11.16
N ALA B 51 -20.34 8.13 -11.15
CA ALA B 51 -19.83 7.24 -10.09
C ALA B 51 -19.98 7.93 -8.75
N ARG B 52 -19.62 9.21 -8.71
CA ARG B 52 -19.76 9.99 -7.48
C ARG B 52 -21.18 10.03 -6.95
N GLU B 53 -22.15 10.22 -7.86
N GLU B 53 -22.14 10.21 -7.87
CA GLU B 53 -23.54 10.32 -7.44
CA GLU B 53 -23.54 10.33 -7.50
C GLU B 53 -24.06 8.98 -6.93
C GLU B 53 -24.06 9.00 -6.95
N ALA B 54 -23.59 7.90 -7.54
CA ALA B 54 -24.04 6.57 -7.14
C ALA B 54 -23.37 6.07 -5.85
N PHE B 55 -22.21 6.63 -5.51
CA PHE B 55 -21.36 6.06 -4.45
C PHE B 55 -22.03 5.95 -3.08
N PRO B 56 -22.64 7.05 -2.59
CA PRO B 56 -23.21 6.96 -1.25
C PRO B 56 -24.19 5.82 -1.06
N ALA B 57 -25.14 5.63 -1.99
CA ALA B 57 -26.13 4.57 -1.81
C ALA B 57 -25.53 3.21 -1.99
N TRP B 58 -24.59 3.10 -2.93
CA TRP B 58 -23.96 1.80 -3.16
C TRP B 58 -23.12 1.40 -1.92
N ALA B 59 -22.36 2.34 -1.39
CA ALA B 59 -21.51 2.05 -0.24
C ALA B 59 -22.33 1.67 1.00
N ARG B 60 -23.52 2.27 1.11
CA ARG B 60 -24.37 2.21 2.29
C ARG B 60 -25.13 0.91 2.36
N ARG B 61 -25.41 0.31 1.20
CA ARG B 61 -26.25 -0.88 1.23
C ARG B 61 -25.54 -2.05 1.90
N PRO B 62 -26.32 -3.03 2.37
CA PRO B 62 -25.73 -4.20 3.02
C PRO B 62 -24.77 -4.95 2.10
N LEU B 63 -23.68 -5.44 2.65
CA LEU B 63 -22.73 -6.21 1.88
C LEU B 63 -23.38 -7.35 1.08
N GLU B 64 -24.31 -8.05 1.71
N GLU B 64 -24.30 -8.08 1.69
CA GLU B 64 -24.95 -9.20 1.06
CA GLU B 64 -24.90 -9.22 0.99
C GLU B 64 -25.69 -8.83 -0.22
C GLU B 64 -25.64 -8.80 -0.27
N GLN B 65 -26.14 -7.57 -0.32
CA GLN B 65 -26.81 -7.11 -1.55
C GLN B 65 -25.80 -6.87 -2.66
N ARG B 66 -24.64 -6.34 -2.30
CA ARG B 66 -23.57 -6.22 -3.29
C ARG B 66 -23.12 -7.62 -3.71
N ILE B 67 -23.01 -8.56 -2.76
CA ILE B 67 -22.60 -9.94 -3.10
C ILE B 67 -23.61 -10.56 -4.09
N GLU B 68 -24.90 -10.43 -3.81
CA GLU B 68 -25.92 -10.97 -4.70
C GLU B 68 -25.78 -10.47 -6.13
N LEU B 69 -25.52 -9.18 -6.28
N LEU B 69 -25.54 -9.19 -6.30
CA LEU B 69 -25.36 -8.60 -7.62
CA LEU B 69 -25.37 -8.67 -7.65
C LEU B 69 -24.13 -9.12 -8.34
C LEU B 69 -24.15 -9.28 -8.31
N LEU B 70 -23.01 -9.26 -7.62
CA LEU B 70 -21.79 -9.82 -8.18
C LEU B 70 -21.99 -11.27 -8.54
N GLU B 71 -22.73 -11.98 -7.70
CA GLU B 71 -23.04 -13.37 -8.04
C GLU B 71 -23.95 -13.48 -9.29
N ARG B 72 -24.88 -12.57 -9.45
CA ARG B 72 -25.72 -12.57 -10.64
C ARG B 72 -24.88 -12.25 -11.87
N PHE B 73 -23.89 -11.37 -11.71
CA PHE B 73 -22.95 -11.08 -12.80
C PHE B 73 -22.18 -12.34 -13.23
N ALA B 74 -21.60 -13.06 -12.27
CA ALA B 74 -20.91 -14.31 -12.63
C ALA B 74 -21.83 -15.28 -13.32
N ALA B 75 -23.07 -15.40 -12.84
CA ALA B 75 -24.02 -16.32 -13.48
C ALA B 75 -24.39 -15.86 -14.92
N THR B 76 -24.39 -14.55 -15.13
CA THR B 76 -24.73 -14.01 -16.45
C THR B 76 -23.58 -14.26 -17.40
N LEU B 77 -22.36 -14.04 -16.93
CA LEU B 77 -21.18 -14.37 -17.72
C LEU B 77 -21.24 -15.82 -18.13
N LYS B 78 -21.53 -16.67 -17.16
CA LYS B 78 -21.53 -18.10 -17.43
C LYS B 78 -22.54 -18.36 -18.55
N SER B 79 -23.71 -17.76 -18.46
CA SER B 79 -24.74 -18.05 -19.48
C SER B 79 -24.39 -17.46 -20.85
N ARG B 80 -23.50 -16.47 -20.91
CA ARG B 80 -23.10 -15.88 -22.19
C ARG B 80 -21.65 -16.22 -22.55
N ALA B 81 -21.18 -17.33 -22.00
CA ALA B 81 -19.75 -17.66 -22.06
C ALA B 81 -19.24 -17.85 -23.49
N ASP B 82 -20.01 -18.55 -24.33
CA ASP B 82 -19.55 -18.82 -25.68
C ASP B 82 -19.43 -17.52 -26.47
N GLU B 83 -20.40 -16.64 -26.29
CA GLU B 83 -20.44 -15.37 -27.00
C GLU B 83 -19.23 -14.51 -26.62
N LEU B 84 -18.97 -14.43 -25.32
CA LEU B 84 -17.83 -13.65 -24.85
C LEU B 84 -16.48 -14.28 -25.28
N ALA B 85 -16.36 -15.59 -25.24
CA ALA B 85 -15.13 -16.22 -25.71
C ALA B 85 -14.89 -15.82 -27.18
N ARG B 86 -15.96 -15.80 -27.95
CA ARG B 86 -15.86 -15.48 -29.36
C ARG B 86 -15.39 -14.04 -29.58
N VAL B 87 -15.94 -13.11 -28.80
CA VAL B 87 -15.55 -11.73 -28.91
C VAL B 87 -14.08 -11.54 -28.48
N ILE B 88 -13.70 -12.18 -27.38
CA ILE B 88 -12.28 -12.13 -26.96
C ILE B 88 -11.38 -12.63 -28.13
N GLY B 89 -11.76 -13.77 -28.71
CA GLY B 89 -11.03 -14.33 -29.85
C GLY B 89 -10.97 -13.38 -31.03
N GLU B 90 -12.13 -12.85 -31.44
CA GLU B 90 -12.23 -11.88 -32.53
C GLU B 90 -11.25 -10.73 -32.36
N GLU B 91 -11.21 -10.18 -31.15
CA GLU B 91 -10.47 -8.97 -30.93
C GLU B 91 -9.00 -9.15 -30.62
N THR B 92 -8.68 -10.24 -29.91
CA THR B 92 -7.31 -10.47 -29.47
C THR B 92 -6.59 -11.54 -30.30
N GLY B 93 -7.35 -12.31 -31.07
CA GLY B 93 -6.76 -13.45 -31.80
C GLY B 93 -6.60 -14.73 -30.99
N LYS B 94 -6.85 -14.65 -29.68
CA LYS B 94 -6.67 -15.80 -28.81
C LYS B 94 -7.55 -16.91 -29.30
N PRO B 95 -7.01 -18.13 -29.39
CA PRO B 95 -7.88 -19.23 -29.78
C PRO B 95 -9.07 -19.41 -28.85
N LEU B 96 -10.14 -19.96 -29.38
CA LEU B 96 -11.37 -20.17 -28.63
C LEU B 96 -11.20 -21.00 -27.35
N TRP B 97 -10.36 -22.02 -27.38
N TRP B 97 -10.37 -22.02 -27.40
CA TRP B 97 -10.15 -22.82 -26.17
CA TRP B 97 -10.11 -22.86 -26.23
C TRP B 97 -9.56 -21.96 -25.08
C TRP B 97 -9.51 -22.02 -25.11
N GLU B 98 -8.64 -21.09 -25.47
CA GLU B 98 -7.95 -20.25 -24.49
C GLU B 98 -8.85 -19.10 -23.98
N SER B 99 -9.60 -18.51 -24.91
CA SER B 99 -10.55 -17.44 -24.56
C SER B 99 -11.59 -17.97 -23.59
N ALA B 100 -12.04 -19.22 -23.80
CA ALA B 100 -12.99 -19.83 -22.88
C ALA B 100 -12.44 -19.90 -21.45
N THR B 101 -11.14 -20.21 -21.31
CA THR B 101 -10.56 -20.25 -19.98
C THR B 101 -10.49 -18.85 -19.36
N GLU B 102 -10.29 -17.81 -20.17
CA GLU B 102 -10.40 -16.44 -19.64
C GLU B 102 -11.79 -16.16 -19.06
N VAL B 103 -12.84 -16.59 -19.76
CA VAL B 103 -14.20 -16.35 -19.29
C VAL B 103 -14.42 -17.08 -17.96
N THR B 104 -13.93 -18.30 -17.89
CA THR B 104 -14.02 -19.09 -16.69
C THR B 104 -13.32 -18.39 -15.52
N SER B 105 -12.14 -17.83 -15.77
CA SER B 105 -11.46 -17.06 -14.74
C SER B 105 -12.30 -15.87 -14.26
N VAL B 107 -15.63 -15.64 -14.22
CA VAL B 107 -16.72 -16.20 -13.41
C VAL B 107 -16.22 -16.52 -12.01
N ASN B 108 -15.09 -17.22 -11.95
CA ASN B 108 -14.54 -17.68 -10.68
C ASN B 108 -14.07 -16.55 -9.76
N LYS B 109 -13.82 -15.37 -10.34
CA LYS B 109 -13.25 -14.23 -9.59
C LYS B 109 -14.21 -13.78 -8.50
N VAL B 110 -15.50 -13.94 -8.74
CA VAL B 110 -16.46 -13.43 -7.75
C VAL B 110 -16.35 -14.17 -6.39
N ALA B 111 -16.48 -15.50 -6.41
CA ALA B 111 -16.49 -16.24 -5.15
C ALA B 111 -15.17 -16.04 -4.40
N ILE B 112 -14.08 -16.02 -5.15
N ILE B 112 -14.07 -16.03 -5.12
CA ILE B 112 -12.76 -15.87 -4.54
CA ILE B 112 -12.78 -15.90 -4.46
C ILE B 112 -12.59 -14.48 -3.93
C ILE B 112 -12.60 -14.48 -3.91
N SER B 113 -13.17 -13.49 -4.58
CA SER B 113 -13.11 -12.12 -4.09
C SER B 113 -13.92 -11.96 -2.82
N VAL B 114 -15.06 -12.63 -2.77
CA VAL B 114 -15.87 -12.61 -1.56
C VAL B 114 -15.09 -13.23 -0.40
N GLN B 115 -14.48 -14.39 -0.63
CA GLN B 115 -13.64 -15.03 0.40
C GLN B 115 -12.52 -14.11 0.86
N ALA B 116 -11.81 -13.49 -0.09
CA ALA B 116 -10.71 -12.58 0.25
C ALA B 116 -11.22 -11.35 1.05
N PHE B 117 -12.39 -10.85 0.70
CA PHE B 117 -12.93 -9.66 1.38
C PHE B 117 -13.19 -10.00 2.85
N ARG B 118 -13.84 -11.14 3.10
CA ARG B 118 -14.09 -11.53 4.48
C ARG B 118 -12.79 -11.75 5.26
N GLU B 119 -11.78 -12.29 4.59
CA GLU B 119 -10.49 -12.53 5.26
C GLU B 119 -9.65 -11.28 5.51
N ARG B 120 -9.50 -10.44 4.49
CA ARG B 120 -8.53 -9.33 4.47
C ARG B 120 -9.13 -7.99 4.88
N THR B 121 -10.41 -7.79 4.59
CA THR B 121 -11.08 -6.50 4.84
C THR B 121 -12.49 -6.72 5.43
N GLY B 122 -12.57 -7.59 6.44
CA GLY B 122 -13.83 -7.96 7.02
C GLY B 122 -14.12 -7.13 8.27
N GLU B 123 -14.93 -7.68 9.15
CA GLU B 123 -15.34 -6.95 10.35
C GLU B 123 -15.01 -7.83 11.57
N LYS B 124 -14.42 -7.23 12.63
CA LYS B 124 -14.06 -7.97 13.83
C LYS B 124 -14.47 -7.14 15.04
N SER B 125 -14.75 -7.81 16.15
CA SER B 125 -15.16 -7.11 17.34
C SER B 125 -14.67 -7.85 18.58
N GLY B 126 -14.30 -7.12 19.62
CA GLY B 126 -13.73 -7.73 20.80
C GLY B 126 -13.70 -6.75 21.97
N PRO B 127 -13.57 -7.27 23.20
CA PRO B 127 -13.50 -6.37 24.36
C PRO B 127 -12.15 -5.70 24.39
N LEU B 128 -12.13 -4.45 24.83
CA LEU B 128 -10.88 -3.77 25.11
C LEU B 128 -11.15 -2.92 26.34
N ALA B 129 -10.61 -3.37 27.46
CA ALA B 129 -10.93 -2.78 28.75
C ALA B 129 -12.44 -2.72 28.89
N ASP B 130 -12.94 -1.52 29.18
CA ASP B 130 -14.34 -1.29 29.49
C ASP B 130 -15.19 -1.14 28.24
N ALA B 131 -14.56 -1.15 27.06
CA ALA B 131 -15.24 -0.74 25.86
C ALA B 131 -15.16 -1.87 24.83
N THR B 132 -15.70 -1.63 23.65
CA THR B 132 -15.63 -2.64 22.60
C THR B 132 -14.81 -2.12 21.43
N ALA B 133 -13.81 -2.88 20.99
CA ALA B 133 -13.00 -2.48 19.83
C ALA B 133 -13.60 -3.18 18.61
N VAL B 134 -13.95 -2.41 17.59
CA VAL B 134 -14.53 -2.97 16.37
C VAL B 134 -13.60 -2.61 15.24
N LEU B 135 -13.34 -3.57 14.34
CA LEU B 135 -12.66 -3.23 13.10
C LEU B 135 -13.64 -3.37 11.95
N ARG B 136 -13.68 -2.36 11.10
CA ARG B 136 -14.48 -2.41 9.86
C ARG B 136 -13.59 -1.97 8.71
N HIS B 137 -14.06 -2.15 7.49
CA HIS B 137 -13.34 -1.62 6.33
C HIS B 137 -14.34 -0.90 5.45
N LYS B 138 -13.90 0.20 4.83
CA LYS B 138 -14.82 1.04 4.05
C LYS B 138 -14.20 1.33 2.69
N PRO B 139 -15.05 1.58 1.68
CA PRO B 139 -14.55 1.82 0.31
C PRO B 139 -13.98 3.21 0.20
N HIS B 140 -13.12 3.41 -0.79
CA HIS B 140 -12.53 4.73 -1.01
C HIS B 140 -13.49 5.78 -1.62
N GLY B 141 -14.28 5.37 -2.60
CA GLY B 141 -15.20 6.27 -3.31
C GLY B 141 -15.22 5.90 -4.78
N VAL B 142 -14.74 6.79 -5.63
CA VAL B 142 -14.70 6.56 -7.07
C VAL B 142 -13.32 6.12 -7.52
N VAL B 143 -13.26 4.99 -8.24
CA VAL B 143 -11.97 4.48 -8.67
C VAL B 143 -11.98 4.28 -10.19
N ALA B 144 -10.89 4.68 -10.85
CA ALA B 144 -10.74 4.38 -12.26
C ALA B 144 -10.02 3.02 -12.42
N VAL B 145 -10.50 2.21 -13.37
CA VAL B 145 -9.80 0.97 -13.73
C VAL B 145 -9.32 1.11 -15.16
N PHE B 146 -8.01 1.01 -15.37
CA PHE B 146 -7.41 0.99 -16.70
C PHE B 146 -7.09 -0.44 -17.12
N GLY B 147 -7.70 -0.91 -18.20
CA GLY B 147 -7.53 -2.28 -18.65
C GLY B 147 -6.40 -2.46 -19.66
N PRO B 148 -5.83 -3.66 -19.71
CA PRO B 148 -4.84 -4.01 -20.73
C PRO B 148 -5.51 -4.78 -21.85
N TYR B 149 -4.75 -5.09 -22.90
CA TYR B 149 -5.34 -5.83 -24.00
C TYR B 149 -5.13 -7.34 -23.94
N ASN B 150 -4.21 -7.82 -23.10
CA ASN B 150 -3.86 -9.24 -23.15
C ASN B 150 -4.90 -10.19 -22.51
N PHE B 151 -5.46 -9.78 -21.37
CA PHE B 151 -6.64 -10.44 -20.80
C PHE B 151 -7.69 -9.32 -20.67
N PRO B 152 -8.35 -9.01 -21.79
CA PRO B 152 -9.23 -7.84 -21.83
C PRO B 152 -10.49 -8.02 -21.01
N GLY B 153 -10.78 -9.23 -20.56
CA GLY B 153 -11.88 -9.44 -19.63
C GLY B 153 -11.40 -9.71 -18.23
N HIS B 154 -10.47 -10.65 -18.08
CA HIS B 154 -10.11 -11.15 -16.75
C HIS B 154 -9.35 -10.14 -15.91
N LEU B 155 -8.43 -9.40 -16.52
CA LEU B 155 -7.62 -8.52 -15.68
C LEU B 155 -8.41 -7.28 -15.19
N PRO B 156 -9.18 -6.60 -16.07
CA PRO B 156 -9.99 -5.52 -15.49
C PRO B 156 -10.98 -6.07 -14.48
N ASN B 157 -11.53 -7.25 -14.75
CA ASN B 157 -12.50 -7.87 -13.87
C ASN B 157 -11.90 -8.09 -12.48
N GLY B 158 -10.58 -8.36 -12.43
CA GLY B 158 -9.82 -8.59 -11.21
C GLY B 158 -9.67 -7.32 -10.37
N HIS B 159 -9.92 -6.16 -10.99
CA HIS B 159 -10.04 -4.92 -10.20
C HIS B 159 -11.49 -4.56 -9.93
N ILE B 160 -12.34 -4.73 -10.94
CA ILE B 160 -13.71 -4.24 -10.87
C ILE B 160 -14.48 -5.03 -9.81
N VAL B 161 -14.36 -6.35 -9.83
CA VAL B 161 -15.08 -7.17 -8.87
C VAL B 161 -14.76 -6.82 -7.40
N PRO B 162 -13.47 -6.88 -6.98
CA PRO B 162 -13.24 -6.50 -5.57
C PRO B 162 -13.55 -5.04 -5.31
N ALA B 163 -13.41 -4.15 -6.29
CA ALA B 163 -13.71 -2.73 -6.02
C ALA B 163 -15.21 -2.52 -5.75
N LEU B 164 -16.07 -3.12 -6.56
CA LEU B 164 -17.50 -2.98 -6.38
C LEU B 164 -17.94 -3.70 -5.11
N LEU B 165 -17.35 -4.88 -4.87
CA LEU B 165 -17.65 -5.64 -3.65
C LEU B 165 -17.48 -4.78 -2.39
N ALA B 166 -16.40 -4.02 -2.32
CA ALA B 166 -16.12 -3.21 -1.13
C ALA B 166 -17.03 -1.98 -1.02
N GLY B 167 -17.70 -1.61 -2.12
CA GLY B 167 -18.60 -0.47 -2.11
C GLY B 167 -18.08 0.72 -2.89
N ASN B 168 -17.01 0.56 -3.65
CA ASN B 168 -16.58 1.66 -4.53
C ASN B 168 -17.47 1.70 -5.78
N CYS B 169 -17.42 2.81 -6.52
CA CYS B 169 -18.04 2.87 -7.85
C CYS B 169 -16.90 3.12 -8.81
N VAL B 170 -17.05 2.64 -10.05
CA VAL B 170 -15.90 2.51 -10.96
C VAL B 170 -16.14 3.25 -12.28
N VAL B 171 -15.09 3.86 -12.80
CA VAL B 171 -15.07 4.30 -14.21
C VAL B 171 -14.02 3.44 -14.90
N PHE B 172 -14.45 2.65 -15.86
CA PHE B 172 -13.59 1.65 -16.51
C PHE B 172 -13.17 2.18 -17.89
N LYS B 173 -11.87 2.34 -18.08
CA LYS B 173 -11.35 2.74 -19.38
C LYS B 173 -10.55 1.52 -19.92
N PRO B 174 -11.12 0.79 -20.89
CA PRO B 174 -10.47 -0.40 -21.46
C PRO B 174 -9.34 0.04 -22.36
N SER B 175 -8.40 -0.87 -22.61
CA SER B 175 -7.41 -0.69 -23.66
C SER B 175 -8.12 -0.31 -24.95
N GLU B 176 -7.55 0.65 -25.69
CA GLU B 176 -8.15 1.00 -26.99
C GLU B 176 -8.06 -0.13 -28.00
N LEU B 177 -7.30 -1.18 -27.65
CA LEU B 177 -7.19 -2.32 -28.52
C LEU B 177 -8.28 -3.36 -28.27
N THR B 178 -8.94 -3.33 -27.13
CA THR B 178 -9.98 -4.36 -26.88
C THR B 178 -11.29 -3.76 -26.36
N PRO B 179 -11.86 -2.77 -27.10
CA PRO B 179 -13.10 -2.17 -26.62
C PRO B 179 -14.31 -3.08 -26.71
N LYS B 180 -14.37 -3.98 -27.69
CA LYS B 180 -15.57 -4.80 -27.85
C LYS B 180 -15.75 -5.77 -26.68
N VAL B 181 -14.64 -6.33 -26.20
CA VAL B 181 -14.70 -7.21 -25.04
C VAL B 181 -15.30 -6.44 -23.83
N ALA B 182 -14.84 -5.22 -23.64
CA ALA B 182 -15.32 -4.39 -22.52
C ALA B 182 -16.82 -4.07 -22.66
N GLU B 183 -17.22 -3.77 -23.89
CA GLU B 183 -18.62 -3.47 -24.15
C GLU B 183 -19.46 -4.68 -23.74
N LEU B 184 -19.11 -5.87 -24.22
CA LEU B 184 -19.86 -7.09 -23.85
C LEU B 184 -19.81 -7.39 -22.34
N THR B 185 -18.68 -7.09 -21.70
CA THR B 185 -18.58 -7.29 -20.27
C THR B 185 -19.57 -6.39 -19.55
N LEU B 186 -19.62 -5.12 -19.95
CA LEU B 186 -20.62 -4.21 -19.40
C LEU B 186 -22.05 -4.74 -19.61
N LYS B 187 -22.33 -5.29 -20.81
CA LYS B 187 -23.65 -5.85 -21.05
C LYS B 187 -24.01 -6.95 -20.05
N ALA B 188 -23.01 -7.75 -19.66
CA ALA B 188 -23.27 -8.73 -18.61
C ALA B 188 -23.58 -8.07 -17.27
N TRP B 189 -22.77 -7.10 -16.83
CA TRP B 189 -23.11 -6.34 -15.61
C TRP B 189 -24.51 -5.73 -15.64
N ILE B 190 -24.85 -5.12 -16.76
CA ILE B 190 -26.17 -4.49 -16.93
C ILE B 190 -27.28 -5.52 -16.82
N GLN B 191 -27.14 -6.63 -17.54
CA GLN B 191 -28.13 -7.71 -17.50
C GLN B 191 -28.31 -8.23 -16.06
N ALA B 192 -27.23 -8.22 -15.29
CA ALA B 192 -27.24 -8.73 -13.93
C ALA B 192 -27.90 -7.79 -12.94
N GLY B 193 -28.26 -6.59 -13.38
CA GLY B 193 -28.92 -5.63 -12.50
C GLY B 193 -28.07 -4.54 -11.88
N LEU B 194 -26.87 -4.30 -12.39
CA LEU B 194 -26.04 -3.31 -11.70
C LEU B 194 -26.73 -1.95 -11.71
N PRO B 195 -26.75 -1.25 -10.55
CA PRO B 195 -27.41 0.05 -10.47
C PRO B 195 -26.73 1.14 -11.31
N ALA B 196 -27.50 2.07 -11.85
CA ALA B 196 -26.97 3.20 -12.62
C ALA B 196 -25.82 3.89 -11.88
N GLY B 197 -24.73 4.13 -12.60
CA GLY B 197 -23.60 4.88 -12.06
C GLY B 197 -22.60 4.09 -11.28
N VAL B 198 -22.96 2.88 -10.87
CA VAL B 198 -22.01 2.04 -10.14
C VAL B 198 -20.79 1.61 -10.95
N LEU B 199 -21.00 1.29 -12.22
CA LEU B 199 -19.93 1.00 -13.15
C LEU B 199 -20.17 1.73 -14.44
N ASN B 200 -19.21 2.55 -14.83
CA ASN B 200 -19.34 3.38 -16.03
C ASN B 200 -18.22 3.01 -16.98
N LEU B 201 -18.51 3.01 -18.29
CA LEU B 201 -17.53 2.58 -19.30
C LEU B 201 -17.22 3.78 -20.19
N VAL B 202 -15.96 4.19 -20.25
CA VAL B 202 -15.57 5.19 -21.23
C VAL B 202 -14.50 4.61 -22.16
N GLN B 203 -14.86 4.48 -23.43
CA GLN B 203 -13.96 3.89 -24.42
C GLN B 203 -13.08 5.01 -24.98
N GLY B 204 -11.90 4.70 -25.47
CA GLY B 204 -11.15 5.70 -26.20
C GLY B 204 -9.66 5.41 -26.17
N GLY B 205 -8.89 6.27 -26.81
CA GLY B 205 -7.46 6.12 -26.83
C GLY B 205 -6.80 7.04 -25.81
N ARG B 206 -5.64 7.58 -26.19
CA ARG B 206 -4.82 8.37 -25.29
C ARG B 206 -5.56 9.53 -24.62
N GLU B 207 -6.27 10.31 -25.40
CA GLU B 207 -6.93 11.49 -24.85
C GLU B 207 -7.91 11.12 -23.75
N THR B 208 -8.63 10.03 -23.93
CA THR B 208 -9.61 9.62 -22.93
C THR B 208 -8.88 9.16 -21.66
N GLY B 209 -7.85 8.35 -21.84
CA GLY B 209 -7.08 7.83 -20.71
C GLY B 209 -6.42 8.98 -19.93
N VAL B 210 -5.83 9.92 -20.66
CA VAL B 210 -5.24 11.08 -20.03
C VAL B 210 -6.27 11.90 -19.22
N ALA B 211 -7.47 12.09 -19.77
CA ALA B 211 -8.45 12.93 -19.08
C ALA B 211 -8.92 12.25 -17.81
N LEU B 212 -9.08 10.94 -17.86
CA LEU B 212 -9.59 10.23 -16.69
C LEU B 212 -8.53 10.23 -15.59
N ALA B 213 -7.29 9.87 -15.95
CA ALA B 213 -6.18 9.80 -14.95
C ALA B 213 -5.98 11.14 -14.25
N ALA B 214 -6.19 12.22 -14.98
CA ALA B 214 -6.01 13.58 -14.45
C ALA B 214 -7.20 14.08 -13.60
N HIS B 215 -8.30 13.35 -13.59
CA HIS B 215 -9.50 13.88 -12.99
C HIS B 215 -9.45 13.92 -11.48
N ARG B 216 -9.73 15.10 -10.89
CA ARG B 216 -9.56 15.28 -9.45
C ARG B 216 -10.65 14.59 -8.64
N GLY B 217 -11.72 14.16 -9.32
CA GLY B 217 -12.80 13.44 -8.65
C GLY B 217 -12.48 11.96 -8.32
N LEU B 218 -11.36 11.45 -8.83
CA LEU B 218 -10.96 10.07 -8.50
C LEU B 218 -10.42 9.96 -7.09
N ASP B 219 -10.80 8.89 -6.39
CA ASP B 219 -10.16 8.53 -5.14
C ASP B 219 -9.13 7.44 -5.33
N GLY B 220 -9.20 6.72 -6.43
CA GLY B 220 -8.18 5.70 -6.69
C GLY B 220 -8.07 5.44 -8.17
N LEU B 221 -6.95 4.86 -8.57
CA LEU B 221 -6.75 4.44 -9.95
C LEU B 221 -6.07 3.06 -9.93
N PHE B 222 -6.70 2.07 -10.57
CA PHE B 222 -6.18 0.71 -10.55
C PHE B 222 -5.80 0.39 -11.99
N PHE B 223 -4.55 0.00 -12.18
CA PHE B 223 -3.97 -0.05 -13.54
C PHE B 223 -3.27 -1.37 -13.78
N THR B 224 -3.48 -1.94 -14.97
CA THR B 224 -2.67 -3.06 -15.44
C THR B 224 -2.16 -2.66 -16.82
N GLY B 225 -0.86 -2.76 -17.04
CA GLY B 225 -0.29 -2.38 -18.33
C GLY B 225 1.21 -2.31 -18.23
N SER B 226 1.84 -1.55 -19.14
CA SER B 226 3.30 -1.56 -19.19
C SER B 226 3.93 -0.78 -18.05
N SER B 227 5.18 -1.11 -17.74
CA SER B 227 5.84 -0.35 -16.68
C SER B 227 6.10 1.09 -17.16
N ARG B 228 6.30 1.27 -18.45
N ARG B 228 6.30 1.27 -18.45
CA ARG B 228 6.41 2.63 -19.01
CA ARG B 228 6.41 2.63 -19.00
C ARG B 228 5.19 3.51 -18.68
C ARG B 228 5.19 3.51 -18.68
N THR B 229 4.00 2.98 -18.96
CA THR B 229 2.81 3.75 -18.71
C THR B 229 2.54 3.88 -17.23
N GLY B 230 2.77 2.80 -16.48
CA GLY B 230 2.45 2.85 -15.07
C GLY B 230 3.42 3.77 -14.35
N ASN B 231 4.66 3.87 -14.83
CA ASN B 231 5.60 4.84 -14.22
C ASN B 231 5.20 6.30 -14.44
N LEU B 232 4.64 6.58 -15.61
CA LEU B 232 4.12 7.89 -15.89
C LEU B 232 3.01 8.21 -14.91
N LEU B 233 2.12 7.27 -14.72
CA LEU B 233 1.03 7.49 -13.78
C LEU B 233 1.58 7.70 -12.37
N HIS B 234 2.55 6.88 -11.99
CA HIS B 234 3.12 7.04 -10.65
C HIS B 234 3.76 8.43 -10.48
N SER B 235 4.49 8.89 -11.50
CA SER B 235 5.08 10.24 -11.42
C SER B 235 4.02 11.30 -11.30
N GLN B 236 2.94 11.13 -12.06
CA GLN B 236 1.83 12.05 -12.06
C GLN B 236 1.19 12.17 -10.68
N PHE B 237 1.19 11.09 -9.93
CA PHE B 237 0.53 11.09 -8.63
C PHE B 237 1.50 11.48 -7.48
N GLY B 238 2.77 11.70 -7.79
CA GLY B 238 3.75 12.05 -6.77
C GLY B 238 3.33 13.32 -6.03
N GLY B 239 3.29 13.25 -4.70
CA GLY B 239 2.84 14.40 -3.92
C GLY B 239 1.35 14.40 -3.68
N GLN B 240 0.65 13.39 -4.19
CA GLN B 240 -0.78 13.22 -3.93
C GLN B 240 -1.08 11.88 -3.29
N PRO B 241 -0.61 11.68 -2.06
CA PRO B 241 -0.77 10.37 -1.42
C PRO B 241 -2.24 10.12 -1.14
N GLN B 242 -3.09 11.16 -1.21
CA GLN B 242 -4.49 10.98 -0.87
C GLN B 242 -5.22 10.03 -1.88
N LYS B 243 -4.68 9.88 -3.08
N LYS B 243 -4.66 9.88 -3.07
CA LYS B 243 -5.31 9.02 -4.11
CA LYS B 243 -5.22 9.03 -4.10
C LYS B 243 -4.59 7.69 -4.25
C LYS B 243 -4.53 7.69 -3.99
N ILE B 244 -5.29 6.60 -4.00
CA ILE B 244 -4.63 5.28 -3.95
C ILE B 244 -4.37 4.82 -5.37
N LEU B 245 -3.13 4.42 -5.64
N LEU B 245 -3.11 4.44 -5.63
CA LEU B 245 -2.78 3.92 -6.98
CA LEU B 245 -2.73 3.85 -6.91
C LEU B 245 -2.29 2.49 -6.85
C LEU B 245 -2.42 2.39 -6.71
N ALA B 246 -2.83 1.58 -7.68
CA ALA B 246 -2.43 0.18 -7.69
C ALA B 246 -1.93 -0.11 -9.09
N LEU B 247 -0.65 -0.48 -9.21
CA LEU B 247 -0.01 -0.60 -10.50
C LEU B 247 0.46 -2.01 -10.72
N GLU B 248 -0.11 -2.70 -11.70
CA GLU B 248 0.31 -4.06 -11.98
C GLU B 248 0.97 -3.98 -13.35
N GLY B 250 4.67 -4.83 -16.06
CA GLY B 250 5.16 -5.98 -16.80
C GLY B 250 6.30 -6.69 -16.09
N GLY B 251 6.98 -7.57 -16.82
CA GLY B 251 8.16 -8.21 -16.25
C GLY B 251 9.17 -8.65 -17.29
N ASN B 252 10.28 -9.20 -16.80
CA ASN B 252 11.29 -9.79 -17.65
C ASN B 252 11.62 -11.11 -16.96
N ASN B 253 10.73 -12.08 -17.09
CA ASN B 253 10.70 -13.22 -16.19
C ASN B 253 11.68 -14.33 -16.61
N PRO B 254 12.58 -14.73 -15.71
CA PRO B 254 13.49 -15.85 -16.01
C PRO B 254 12.91 -17.19 -15.63
N LEU B 255 13.21 -18.21 -16.44
CA LEU B 255 12.93 -19.59 -16.14
C LEU B 255 14.25 -20.35 -16.16
N VAL B 256 14.63 -20.95 -15.03
CA VAL B 256 15.91 -21.62 -14.93
C VAL B 256 15.66 -23.11 -15.09
N VAL B 257 16.37 -23.74 -16.01
CA VAL B 257 16.16 -25.16 -16.26
C VAL B 257 17.44 -25.95 -16.02
N GLU B 258 17.60 -26.53 -14.85
CA GLU B 258 18.66 -27.53 -14.59
C GLU B 258 18.41 -28.83 -15.35
N GLU B 259 19.46 -29.63 -15.51
CA GLU B 259 19.30 -30.97 -16.11
C GLU B 259 18.30 -31.75 -15.27
N VAL B 260 17.19 -32.15 -15.87
CA VAL B 260 16.20 -32.94 -15.16
C VAL B 260 15.98 -34.27 -15.88
N ALA B 261 15.49 -35.26 -15.15
CA ALA B 261 15.34 -36.60 -15.73
C ALA B 261 14.35 -36.61 -16.91
N ASP B 262 13.21 -35.94 -16.75
CA ASP B 262 12.16 -35.98 -17.77
C ASP B 262 12.26 -34.78 -18.69
N LEU B 263 13.14 -34.90 -19.68
CA LEU B 263 13.41 -33.79 -20.59
C LEU B 263 12.18 -33.34 -21.39
N ASP B 264 11.38 -34.29 -21.91
CA ASP B 264 10.17 -33.86 -22.64
C ASP B 264 9.20 -33.07 -21.78
N ALA B 265 9.07 -33.48 -20.51
CA ALA B 265 8.18 -32.75 -19.59
C ALA B 265 8.69 -31.33 -19.44
N ALA B 266 10.02 -31.16 -19.37
CA ALA B 266 10.58 -29.81 -19.20
C ALA B 266 10.31 -28.96 -20.45
N VAL B 267 10.46 -29.56 -21.63
CA VAL B 267 10.21 -28.84 -22.88
C VAL B 267 8.78 -28.36 -22.98
N TYR B 268 7.86 -29.24 -22.60
CA TYR B 268 6.45 -28.87 -22.60
C TYR B 268 6.20 -27.71 -21.63
N THR B 269 6.80 -27.83 -20.45
CA THR B 269 6.62 -26.80 -19.43
C THR B 269 7.19 -25.46 -19.92
N ILE B 270 8.32 -25.51 -20.63
CA ILE B 270 8.91 -24.27 -21.15
C ILE B 270 7.94 -23.65 -22.18
N ILE B 271 7.42 -24.46 -23.09
CA ILE B 271 6.46 -23.92 -24.06
C ILE B 271 5.22 -23.29 -23.43
N GLN B 272 4.66 -23.94 -22.42
CA GLN B 272 3.50 -23.37 -21.74
C GLN B 272 3.90 -22.06 -21.03
N SER B 273 5.15 -21.98 -20.57
CA SER B 273 5.63 -20.79 -19.90
C SER B 273 5.91 -19.61 -20.84
N ALA B 274 6.47 -19.89 -22.02
CA ALA B 274 6.95 -18.86 -22.93
C ALA B 274 5.99 -18.44 -24.01
N PHE B 275 5.21 -19.38 -24.54
CA PHE B 275 4.50 -19.15 -25.81
C PHE B 275 3.00 -19.20 -25.71
N ILE B 276 2.48 -19.62 -24.56
CA ILE B 276 1.03 -19.53 -24.37
C ILE B 276 0.56 -18.07 -24.56
N SER B 277 -0.62 -17.87 -25.19
CA SER B 277 -1.11 -16.54 -25.59
C SER B 277 -0.10 -15.85 -26.49
N ALA B 278 0.66 -16.61 -27.25
CA ALA B 278 1.66 -15.99 -28.12
C ALA B 278 2.59 -15.10 -27.30
N GLY B 279 2.90 -15.53 -26.08
CA GLY B 279 3.84 -14.79 -25.25
C GLY B 279 3.30 -13.46 -24.68
N GLN B 280 1.99 -13.28 -24.67
CA GLN B 280 1.41 -12.01 -24.21
C GLN B 280 0.81 -12.09 -22.80
N ARG B 281 1.26 -13.03 -21.96
CA ARG B 281 0.89 -12.92 -20.52
C ARG B 281 2.00 -12.22 -19.75
N CYS B 282 1.63 -11.47 -18.69
CA CYS B 282 2.59 -10.75 -17.83
C CYS B 282 3.64 -11.73 -17.33
N THR B 283 3.16 -12.94 -17.05
CA THR B 283 3.99 -13.97 -16.41
C THR B 283 4.76 -14.86 -17.38
N CYS B 284 4.66 -14.63 -18.68
CA CYS B 284 5.41 -15.49 -19.61
C CYS B 284 6.91 -15.42 -19.35
N ALA B 285 7.59 -16.54 -19.55
CA ALA B 285 9.04 -16.61 -19.48
C ALA B 285 9.61 -15.81 -20.63
N ARG B 286 10.50 -14.88 -20.30
N ARG B 286 10.54 -14.91 -20.31
CA ARG B 286 11.17 -14.02 -21.28
CA ARG B 286 11.16 -14.07 -21.32
C ARG B 286 12.62 -14.46 -21.48
C ARG B 286 12.64 -14.38 -21.46
N ARG B 287 13.21 -15.02 -20.44
CA ARG B 287 14.58 -15.52 -20.51
C ARG B 287 14.63 -16.92 -19.98
N LEU B 288 15.27 -17.80 -20.75
CA LEU B 288 15.40 -19.19 -20.40
C LEU B 288 16.87 -19.42 -20.11
N LEU B 289 17.16 -19.83 -18.89
N LEU B 289 17.17 -19.84 -18.88
CA LEU B 289 18.53 -20.13 -18.49
CA LEU B 289 18.54 -20.11 -18.48
C LEU B 289 18.75 -21.63 -18.53
C LEU B 289 18.75 -21.61 -18.53
N VAL B 290 19.71 -22.03 -19.34
CA VAL B 290 19.97 -23.45 -19.63
C VAL B 290 21.45 -23.73 -19.43
N PRO B 291 21.78 -24.78 -18.67
CA PRO B 291 23.20 -24.98 -18.36
C PRO B 291 24.00 -25.32 -19.61
N GLN B 292 25.26 -24.92 -19.62
N GLN B 292 25.26 -24.90 -19.65
CA GLN B 292 26.20 -25.34 -20.66
CA GLN B 292 26.12 -25.32 -20.76
C GLN B 292 26.34 -26.85 -20.69
C GLN B 292 26.35 -26.82 -20.70
N GLY B 293 26.64 -27.40 -21.86
CA GLY B 293 26.97 -28.82 -21.99
C GLY B 293 25.94 -29.54 -22.82
N ALA B 294 26.16 -30.85 -22.96
CA ALA B 294 25.40 -31.71 -23.84
C ALA B 294 23.94 -31.77 -23.51
N TRP B 295 23.59 -31.94 -22.23
CA TRP B 295 22.18 -32.06 -21.86
C TRP B 295 21.41 -30.78 -22.23
N GLY B 296 22.00 -29.65 -21.86
CA GLY B 296 21.40 -28.36 -22.19
C GLY B 296 21.18 -28.23 -23.68
N ASP B 297 22.13 -28.73 -24.46
CA ASP B 297 22.00 -28.67 -25.93
C ASP B 297 20.84 -29.49 -26.40
N ALA B 298 20.67 -30.66 -25.80
CA ALA B 298 19.59 -31.56 -26.18
C ALA B 298 18.25 -30.94 -25.82
N LEU B 299 18.21 -30.34 -24.63
CA LEU B 299 17.02 -29.63 -24.18
C LEU B 299 16.61 -28.57 -25.19
N LEU B 300 17.58 -27.73 -25.58
CA LEU B 300 17.28 -26.64 -26.52
C LEU B 300 16.86 -27.16 -27.87
N ALA B 301 17.60 -28.13 -28.40
CA ALA B 301 17.25 -28.65 -29.71
C ALA B 301 15.87 -29.28 -29.73
N ARG B 302 15.49 -29.98 -28.69
CA ARG B 302 14.14 -30.53 -28.62
C ARG B 302 13.09 -29.40 -28.52
N LEU B 303 13.38 -28.39 -27.71
CA LEU B 303 12.51 -27.22 -27.60
C LEU B 303 12.31 -26.57 -28.97
N VAL B 304 13.41 -26.36 -29.69
CA VAL B 304 13.32 -25.74 -31.01
C VAL B 304 12.47 -26.60 -31.96
N ALA B 305 12.73 -27.91 -31.97
CA ALA B 305 11.95 -28.81 -32.83
C ALA B 305 10.46 -28.81 -32.53
N VAL B 306 10.09 -28.88 -31.25
CA VAL B 306 8.68 -28.90 -30.87
C VAL B 306 8.04 -27.55 -31.08
N SER B 307 8.75 -26.47 -30.76
CA SER B 307 8.21 -25.12 -30.96
C SER B 307 7.93 -24.82 -32.43
N ALA B 308 8.72 -25.39 -33.33
CA ALA B 308 8.53 -25.18 -34.76
C ALA B 308 7.25 -25.85 -35.27
N THR B 309 6.73 -26.79 -34.50
CA THR B 309 5.55 -27.54 -34.92
C THR B 309 4.26 -26.98 -34.31
N LEU B 310 4.40 -26.04 -33.37
CA LEU B 310 3.24 -25.45 -32.71
C LEU B 310 2.31 -24.82 -33.74
N ARG B 311 1.02 -25.15 -33.62
CA ARG B 311 0.01 -24.56 -34.52
C ARG B 311 -0.29 -23.08 -34.17
N VAL B 312 -0.05 -22.19 -35.12
CA VAL B 312 -0.35 -20.77 -34.93
C VAL B 312 -1.43 -20.40 -35.94
N GLY B 313 -2.55 -19.86 -35.50
CA GLY B 313 -3.59 -19.60 -36.50
C GLY B 313 -4.68 -18.68 -36.02
N ARG B 314 -5.79 -18.67 -36.76
N ARG B 314 -5.80 -18.71 -36.74
CA ARG B 314 -6.91 -17.79 -36.43
CA ARG B 314 -6.94 -17.86 -36.41
C ARG B 314 -7.68 -18.34 -35.22
C ARG B 314 -7.66 -18.36 -35.17
N PHE B 315 -8.34 -17.43 -34.49
CA PHE B 315 -8.95 -17.76 -33.21
C PHE B 315 -9.92 -18.92 -33.30
N ASP B 316 -10.65 -19.00 -34.41
CA ASP B 316 -11.71 -20.01 -34.58
C ASP B 316 -11.33 -21.06 -35.61
N GLU B 317 -10.04 -21.14 -35.91
CA GLU B 317 -9.53 -22.15 -36.86
C GLU B 317 -9.67 -23.57 -36.31
N GLN B 318 -9.83 -24.54 -37.21
CA GLN B 318 -9.89 -25.94 -36.85
C GLN B 318 -9.02 -26.67 -37.86
N PRO B 319 -8.12 -27.55 -37.38
CA PRO B 319 -7.88 -27.91 -35.97
C PRO B 319 -7.46 -26.68 -35.16
N ALA B 320 -7.80 -26.66 -33.87
CA ALA B 320 -7.50 -25.50 -33.02
C ALA B 320 -6.01 -25.22 -32.94
N PRO B 321 -5.61 -23.94 -33.03
CA PRO B 321 -4.20 -23.59 -32.89
C PRO B 321 -3.80 -23.60 -31.43
N PHE B 322 -2.50 -23.76 -31.17
CA PHE B 322 -1.99 -23.52 -29.82
C PHE B 322 -2.00 -22.05 -29.46
N GLY B 324 -2.48 -17.73 -31.09
CA GLY B 324 -3.01 -16.85 -32.12
C GLY B 324 -2.01 -15.74 -32.39
N ALA B 325 -2.51 -14.66 -32.99
CA ALA B 325 -1.72 -13.51 -33.37
C ALA B 325 -1.35 -12.68 -32.15
N VAL B 326 -0.36 -11.83 -32.33
CA VAL B 326 -0.17 -10.75 -31.37
C VAL B 326 -1.20 -9.68 -31.69
N ILE B 327 -1.31 -8.68 -30.81
CA ILE B 327 -2.52 -7.84 -30.79
C ILE B 327 -2.68 -6.96 -32.03
N SER B 328 -1.58 -6.61 -32.70
CA SER B 328 -1.68 -5.74 -33.87
C SER B 328 -0.50 -5.89 -34.80
N LEU B 329 -0.62 -5.35 -36.01
CA LEU B 329 0.49 -5.36 -36.97
C LEU B 329 1.66 -4.58 -36.41
N SER B 330 1.34 -3.52 -35.68
CA SER B 330 2.35 -2.67 -35.09
C SER B 330 3.16 -3.46 -34.07
N ALA B 331 2.47 -4.23 -33.23
CA ALA B 331 3.17 -5.01 -32.22
C ALA B 331 4.03 -6.08 -32.89
N ALA B 332 3.53 -6.68 -33.98
CA ALA B 332 4.28 -7.73 -34.65
C ALA B 332 5.52 -7.13 -35.30
N GLU B 333 5.37 -5.95 -35.88
N GLU B 333 5.36 -5.96 -35.89
CA GLU B 333 6.50 -5.30 -36.54
CA GLU B 333 6.48 -5.29 -36.53
C GLU B 333 7.55 -4.85 -35.53
C GLU B 333 7.55 -4.97 -35.48
N HIS B 334 7.12 -4.47 -34.33
CA HIS B 334 8.04 -4.10 -33.27
C HIS B 334 8.83 -5.30 -32.74
N LEU B 335 8.17 -6.46 -32.68
CA LEU B 335 8.85 -7.65 -32.20
C LEU B 335 9.87 -8.13 -33.24
N LEU B 336 9.53 -8.01 -34.51
CA LEU B 336 10.44 -8.50 -35.54
C LEU B 336 11.69 -7.64 -35.59
N LYS B 337 11.55 -6.35 -35.31
CA LYS B 337 12.70 -5.45 -35.19
C LYS B 337 13.55 -5.75 -33.95
N ALA B 338 12.92 -6.15 -32.85
CA ALA B 338 13.68 -6.52 -31.67
C ALA B 338 14.54 -7.74 -31.99
N GLN B 339 13.95 -8.68 -32.71
CA GLN B 339 14.70 -9.90 -33.07
C GLN B 339 15.85 -9.55 -33.98
N GLU B 340 15.55 -8.77 -35.01
CA GLU B 340 16.58 -8.30 -35.93
C GLU B 340 17.70 -7.60 -35.16
N HIS B 341 17.32 -6.71 -34.24
CA HIS B 341 18.29 -5.90 -33.53
C HIS B 341 19.23 -6.73 -32.66
N LEU B 342 18.67 -7.68 -31.91
CA LEU B 342 19.45 -8.58 -31.08
C LEU B 342 20.41 -9.39 -31.93
N ILE B 343 19.90 -9.94 -33.03
CA ILE B 343 20.76 -10.70 -33.93
C ILE B 343 21.91 -9.85 -34.42
N GLY B 344 21.64 -8.58 -34.69
CA GLY B 344 22.66 -7.64 -35.06
C GLY B 344 23.74 -7.47 -34.01
N LYS B 345 23.38 -7.63 -32.74
CA LYS B 345 24.34 -7.52 -31.65
C LYS B 345 24.98 -8.85 -31.30
N GLY B 346 24.70 -9.88 -32.09
CA GLY B 346 25.38 -11.15 -31.93
C GLY B 346 24.54 -12.30 -31.43
N ALA B 347 23.25 -12.08 -31.24
CA ALA B 347 22.35 -13.15 -30.83
C ALA B 347 22.25 -14.19 -31.94
N GLN B 348 22.13 -15.46 -31.54
CA GLN B 348 22.04 -16.55 -32.52
C GLN B 348 20.62 -17.11 -32.55
N PRO B 349 19.97 -17.13 -33.72
CA PRO B 349 18.59 -17.60 -33.80
C PRO B 349 18.51 -19.12 -33.73
N LEU B 350 18.26 -19.70 -32.56
CA LEU B 350 18.01 -21.13 -32.46
C LEU B 350 16.73 -21.52 -33.22
N LEU B 351 15.73 -20.65 -33.17
CA LEU B 351 14.54 -20.76 -34.00
C LEU B 351 14.09 -19.36 -34.35
N ALA B 352 14.18 -18.94 -35.60
CA ALA B 352 13.83 -17.55 -35.87
C ALA B 352 12.31 -17.32 -35.92
N THR B 354 9.00 -15.85 -37.28
CA THR B 354 8.58 -15.41 -38.62
C THR B 354 7.17 -14.87 -38.62
N GLN B 355 6.80 -14.19 -39.70
CA GLN B 355 5.45 -13.70 -39.90
C GLN B 355 4.97 -14.36 -41.18
N PRO B 356 4.34 -15.54 -41.06
CA PRO B 356 3.97 -16.43 -42.16
C PRO B 356 2.91 -15.87 -43.13
N ILE B 357 2.04 -14.97 -42.66
CA ILE B 357 1.05 -14.38 -43.54
C ILE B 357 1.26 -12.86 -43.63
N ASP B 358 1.61 -12.40 -44.82
CA ASP B 358 1.86 -10.99 -45.04
C ASP B 358 0.61 -10.20 -44.62
N GLY B 359 0.82 -9.13 -43.85
CA GLY B 359 -0.29 -8.29 -43.44
C GLY B 359 -1.19 -8.87 -42.37
N ALA B 360 -0.74 -9.95 -41.74
CA ALA B 360 -1.40 -10.48 -40.55
C ALA B 360 -0.40 -10.47 -39.40
N ALA B 361 -0.89 -10.22 -38.18
CA ALA B 361 -0.04 -10.18 -37.00
C ALA B 361 0.28 -11.57 -36.42
N LEU B 362 0.18 -12.61 -37.24
CA LEU B 362 0.58 -13.95 -36.79
C LEU B 362 2.09 -14.02 -36.77
N LEU B 363 2.64 -14.49 -35.65
CA LEU B 363 4.08 -14.74 -35.52
C LEU B 363 4.31 -16.14 -34.98
N THR B 364 5.30 -16.84 -35.53
CA THR B 364 5.72 -18.16 -35.05
C THR B 364 6.73 -17.95 -33.92
N PRO B 365 6.88 -18.91 -33.00
CA PRO B 365 7.73 -18.67 -31.82
C PRO B 365 9.18 -18.35 -32.19
N GLY B 366 9.82 -17.52 -31.38
CA GLY B 366 11.21 -17.21 -31.59
C GLY B 366 12.04 -17.67 -30.40
N ILE B 367 13.19 -18.31 -30.67
CA ILE B 367 14.10 -18.68 -29.59
C ILE B 367 15.49 -18.18 -29.95
N LEU B 368 16.01 -17.22 -29.20
CA LEU B 368 17.27 -16.58 -29.56
C LEU B 368 18.30 -16.77 -28.45
N ASP B 369 19.43 -17.37 -28.75
CA ASP B 369 20.51 -17.50 -27.77
C ASP B 369 21.21 -16.14 -27.69
N VAL B 370 21.10 -15.45 -26.55
CA VAL B 370 21.71 -14.13 -26.40
C VAL B 370 22.92 -14.18 -25.48
N SER B 371 23.45 -15.37 -25.27
CA SER B 371 24.59 -15.56 -24.39
C SER B 371 25.77 -14.67 -24.77
N ALA B 372 25.96 -14.46 -26.08
CA ALA B 372 27.12 -13.74 -26.57
C ALA B 372 26.87 -12.26 -26.76
N VAL B 373 25.65 -11.82 -26.48
CA VAL B 373 25.33 -10.38 -26.59
C VAL B 373 25.89 -9.63 -25.38
N ALA B 374 26.74 -8.64 -25.65
CA ALA B 374 27.43 -7.93 -24.58
C ALA B 374 26.45 -7.32 -23.61
N GLU B 375 25.77 -6.27 -24.06
CA GLU B 375 24.81 -5.55 -23.23
C GLU B 375 23.39 -5.95 -23.57
N ARG B 376 22.78 -6.80 -22.74
CA ARG B 376 21.42 -7.26 -23.04
C ARG B 376 20.35 -6.35 -22.46
N PRO B 377 19.40 -5.92 -23.31
CA PRO B 377 18.36 -4.98 -22.88
C PRO B 377 17.61 -5.56 -21.69
N ASP B 378 17.32 -4.75 -20.68
CA ASP B 378 16.42 -5.18 -19.61
C ASP B 378 15.04 -4.76 -20.04
N GLU B 379 14.58 -5.33 -21.14
CA GLU B 379 13.37 -4.82 -21.75
C GLU B 379 12.37 -5.95 -21.84
N GLU B 380 11.12 -5.59 -21.65
CA GLU B 380 10.07 -6.57 -21.83
C GLU B 380 9.63 -6.62 -23.30
N PHE B 381 9.77 -7.79 -23.93
CA PHE B 381 9.28 -8.00 -25.30
C PHE B 381 7.98 -8.78 -25.21
N PHE B 382 6.87 -8.07 -25.38
CA PHE B 382 5.53 -8.63 -25.23
C PHE B 382 5.02 -9.47 -26.43
N GLY B 383 5.59 -10.66 -26.59
CA GLY B 383 5.24 -11.51 -27.74
C GLY B 383 6.04 -12.78 -27.58
N PRO B 384 5.97 -13.67 -28.60
CA PRO B 384 6.57 -15.00 -28.49
C PRO B 384 8.05 -15.00 -28.87
N LEU B 385 8.85 -14.24 -28.15
CA LEU B 385 10.28 -14.17 -28.44
C LEU B 385 11.05 -14.51 -27.16
N LEU B 386 11.54 -15.74 -27.09
CA LEU B 386 12.23 -16.23 -25.89
C LEU B 386 13.74 -16.09 -26.02
N GLN B 387 14.38 -15.41 -25.06
CA GLN B 387 15.83 -15.28 -25.09
C GLN B 387 16.44 -16.36 -24.24
N VAL B 388 17.52 -16.97 -24.73
CA VAL B 388 18.17 -18.06 -24.00
C VAL B 388 19.53 -17.61 -23.51
N ILE B 389 19.84 -17.93 -22.24
CA ILE B 389 21.16 -17.65 -21.74
C ILE B 389 21.79 -18.95 -21.23
N ARG B 390 22.98 -19.29 -21.71
CA ARG B 390 23.63 -20.50 -21.23
C ARG B 390 24.47 -20.15 -20.00
N TYR B 391 24.40 -20.98 -18.96
CA TYR B 391 25.13 -20.66 -17.72
C TYR B 391 26.11 -21.74 -17.28
N SER B 392 27.13 -21.34 -16.55
CA SER B 392 28.18 -22.25 -16.14
C SER B 392 27.83 -23.03 -14.87
N ASP B 393 27.33 -22.34 -13.86
CA ASP B 393 26.87 -23.03 -12.66
C ASP B 393 25.65 -22.34 -12.07
N PHE B 394 25.05 -22.99 -11.08
CA PHE B 394 23.76 -22.55 -10.55
C PHE B 394 23.80 -21.13 -9.97
N ALA B 395 24.94 -20.73 -9.38
CA ALA B 395 25.09 -19.39 -8.84
C ALA B 395 25.05 -18.35 -9.95
N ALA B 396 25.62 -18.67 -11.09
CA ALA B 396 25.57 -17.77 -12.24
C ALA B 396 24.15 -17.69 -12.81
N ALA B 397 23.40 -18.78 -12.74
CA ALA B 397 22.01 -18.78 -13.20
C ALA B 397 21.21 -17.84 -12.32
N ILE B 398 21.40 -17.96 -11.01
CA ILE B 398 20.64 -17.12 -10.09
C ILE B 398 21.01 -15.67 -10.31
N ARG B 399 22.30 -15.41 -10.51
CA ARG B 399 22.76 -14.04 -10.75
C ARG B 399 22.07 -13.46 -11.96
N GLU B 400 22.07 -14.20 -13.06
CA GLU B 400 21.41 -13.75 -14.28
C GLU B 400 19.92 -13.60 -14.10
N ALA B 401 19.29 -14.55 -13.42
CA ALA B 401 17.83 -14.48 -13.25
C ALA B 401 17.49 -13.17 -12.53
N ASN B 402 18.35 -12.77 -11.59
CA ASN B 402 18.12 -11.53 -10.83
C ASN B 402 18.60 -10.25 -11.51
N ALA B 403 19.28 -10.38 -12.65
CA ALA B 403 19.80 -9.21 -13.33
C ALA B 403 18.73 -8.50 -14.16
N THR B 404 17.78 -7.89 -13.46
CA THR B 404 16.66 -7.17 -14.09
C THR B 404 16.08 -6.24 -13.02
N GLN B 405 15.49 -5.14 -13.47
CA GLN B 405 14.82 -4.18 -12.58
C GLN B 405 13.40 -4.68 -12.26
N TYR B 406 12.93 -5.69 -13.02
CA TYR B 406 11.58 -6.19 -12.88
C TYR B 406 11.53 -7.28 -11.84
N GLY B 407 10.33 -7.79 -11.53
CA GLY B 407 10.23 -8.79 -10.48
C GLY B 407 8.86 -9.44 -10.40
N LEU B 408 8.29 -9.78 -11.55
CA LEU B 408 6.98 -10.37 -11.54
C LEU B 408 7.00 -11.89 -11.22
N ALA B 409 7.56 -12.69 -12.14
CA ALA B 409 7.62 -14.14 -11.97
C ALA B 409 9.03 -14.71 -12.21
N ALA B 410 9.29 -15.88 -11.65
CA ALA B 410 10.52 -16.64 -11.87
C ALA B 410 10.23 -18.10 -11.61
N GLY B 411 11.01 -19.00 -12.20
CA GLY B 411 10.70 -20.40 -12.01
C GLY B 411 11.95 -21.23 -12.14
N LEU B 412 11.92 -22.40 -11.54
CA LEU B 412 13.04 -23.34 -11.61
C LEU B 412 12.47 -24.69 -12.00
N LEU B 413 13.07 -25.32 -13.02
CA LEU B 413 12.81 -26.72 -13.30
C LEU B 413 14.04 -27.47 -12.80
N SER B 414 13.81 -28.35 -11.82
CA SER B 414 14.92 -29.03 -11.17
C SER B 414 14.37 -30.20 -10.36
N ASP B 415 15.08 -31.33 -10.38
CA ASP B 415 14.68 -32.46 -9.57
C ASP B 415 15.08 -32.31 -8.12
N SER B 416 15.77 -31.21 -7.81
CA SER B 416 16.34 -31.00 -6.49
C SER B 416 15.54 -30.06 -5.61
N ARG B 417 14.95 -30.60 -4.55
CA ARG B 417 14.21 -29.76 -3.59
C ARG B 417 15.16 -28.77 -2.93
N GLU B 418 16.40 -29.18 -2.69
CA GLU B 418 17.37 -28.30 -2.07
C GLU B 418 17.65 -27.10 -2.94
N ARG B 419 17.73 -27.36 -4.24
CA ARG B 419 17.95 -26.32 -5.22
C ARG B 419 16.78 -25.34 -5.26
N PHE B 420 15.55 -25.84 -5.18
CA PHE B 420 14.44 -24.92 -5.17
C PHE B 420 14.42 -24.09 -3.88
N GLU B 421 14.75 -24.71 -2.76
N GLU B 421 14.75 -24.72 -2.76
CA GLU B 421 14.78 -23.99 -1.50
CA GLU B 421 14.78 -23.97 -1.50
C GLU B 421 15.77 -22.83 -1.57
C GLU B 421 15.76 -22.81 -1.61
N GLN B 422 16.91 -23.05 -2.22
CA GLN B 422 17.88 -21.99 -2.42
C GLN B 422 17.30 -20.93 -3.34
N PHE B 423 16.67 -21.38 -4.43
CA PHE B 423 16.04 -20.46 -5.38
C PHE B 423 15.02 -19.53 -4.69
N LEU B 424 14.23 -20.07 -3.76
CA LEU B 424 13.23 -19.26 -3.08
C LEU B 424 13.96 -18.17 -2.30
N VAL B 425 15.04 -18.57 -1.65
CA VAL B 425 15.78 -17.68 -0.77
C VAL B 425 16.34 -16.52 -1.56
N GLU B 426 16.83 -16.80 -2.77
CA GLU B 426 17.55 -15.80 -3.57
C GLU B 426 16.71 -15.09 -4.62
N SER B 427 15.52 -15.64 -4.90
CA SER B 427 14.58 -15.01 -5.82
C SER B 427 14.05 -13.64 -5.43
N ARG B 428 13.69 -12.85 -6.46
CA ARG B 428 13.20 -11.50 -6.26
C ARG B 428 11.99 -11.34 -7.16
N ALA B 429 10.92 -12.06 -6.82
CA ALA B 429 9.73 -12.06 -7.63
C ALA B 429 8.49 -12.39 -6.81
N GLY B 430 7.33 -11.94 -7.33
CA GLY B 430 6.03 -12.16 -6.72
C GLY B 430 5.49 -13.55 -6.93
N ILE B 431 5.98 -14.22 -7.98
CA ILE B 431 5.53 -15.58 -8.32
C ILE B 431 6.81 -16.38 -8.54
N VAL B 432 6.94 -17.48 -7.80
CA VAL B 432 8.15 -18.29 -7.87
C VAL B 432 7.74 -19.76 -7.88
N ASN B 433 7.84 -20.41 -9.05
CA ASN B 433 7.35 -21.78 -9.21
C ASN B 433 8.45 -22.79 -9.33
N TRP B 434 8.13 -24.01 -8.93
CA TRP B 434 9.07 -25.12 -9.01
C TRP B 434 8.47 -26.21 -9.89
N ASN B 435 9.07 -26.45 -11.05
CA ASN B 435 8.62 -27.54 -11.94
C ASN B 435 7.20 -27.37 -12.46
N LYS B 436 6.71 -26.14 -12.42
CA LYS B 436 5.40 -25.83 -12.99
C LYS B 436 5.55 -24.60 -13.88
N GLN B 437 4.76 -24.50 -14.95
CA GLN B 437 4.88 -23.38 -15.87
C GLN B 437 4.64 -22.04 -15.15
N LEU B 438 5.25 -20.97 -15.68
CA LEU B 438 5.20 -19.66 -15.01
C LEU B 438 3.81 -19.08 -15.07
N THR B 439 3.08 -19.47 -16.12
CA THR B 439 1.78 -18.91 -16.44
C THR B 439 0.64 -19.55 -15.62
N GLY B 440 -0.55 -18.96 -15.70
CA GLY B 440 -1.73 -19.49 -15.01
C GLY B 440 -1.74 -19.43 -13.48
N ALA B 441 -1.35 -18.29 -12.91
CA ALA B 441 -1.44 -18.08 -11.46
C ALA B 441 -2.91 -18.07 -11.05
N ALA B 442 -3.23 -18.73 -9.92
CA ALA B 442 -4.63 -18.84 -9.47
C ALA B 442 -5.09 -17.63 -8.64
N SER B 443 -6.34 -17.26 -8.83
CA SER B 443 -6.89 -16.10 -8.12
C SER B 443 -6.94 -16.30 -6.60
N SER B 444 -6.77 -17.54 -6.13
CA SER B 444 -6.79 -17.77 -4.68
C SER B 444 -5.48 -17.29 -4.01
N ALA B 445 -4.53 -16.82 -4.79
CA ALA B 445 -3.28 -16.34 -4.19
C ALA B 445 -3.05 -14.90 -4.59
N PRO B 446 -2.27 -14.16 -3.81
CA PRO B 446 -1.96 -12.80 -4.23
C PRO B 446 -1.15 -12.82 -5.50
N PHE B 447 -1.29 -11.78 -6.29
CA PHE B 447 -0.56 -11.73 -7.53
C PHE B 447 0.01 -10.34 -7.65
N GLY B 448 1.30 -10.20 -7.33
CA GLY B 448 1.90 -8.89 -7.52
C GLY B 448 3.38 -8.98 -7.77
N GLY B 449 3.89 -8.22 -8.72
CA GLY B 449 5.33 -8.20 -8.92
C GLY B 449 6.06 -7.16 -8.07
N ILE B 450 7.35 -7.40 -7.86
CA ILE B 450 8.13 -6.41 -7.15
C ILE B 450 9.04 -5.69 -8.14
N GLY B 451 9.96 -4.88 -7.63
CA GLY B 451 10.78 -4.04 -8.47
C GLY B 451 9.89 -3.19 -9.37
N ALA B 452 10.31 -3.05 -10.63
CA ALA B 452 9.57 -2.26 -11.62
C ALA B 452 8.23 -2.87 -12.02
N SER B 453 7.92 -4.06 -11.54
CA SER B 453 6.70 -4.76 -11.93
C SER B 453 5.47 -4.40 -11.10
N GLY B 454 5.64 -3.58 -10.06
CA GLY B 454 4.50 -3.24 -9.24
C GLY B 454 4.77 -2.04 -8.37
N ASN B 455 3.79 -1.66 -7.56
CA ASN B 455 4.01 -0.65 -6.52
C ASN B 455 3.52 -1.17 -5.15
N HIS B 456 3.86 -2.42 -4.86
N HIS B 456 3.93 -2.44 -4.78
CA HIS B 456 3.50 -3.03 -3.56
CA HIS B 456 3.57 -3.04 -3.48
C HIS B 456 2.04 -2.99 -3.19
C HIS B 456 2.10 -3.01 -3.12
N ARG B 457 1.21 -3.12 -4.23
CA ARG B 457 -0.25 -3.31 -4.07
C ARG B 457 -0.70 -4.56 -4.87
N PRO B 458 -0.31 -5.75 -4.38
CA PRO B 458 -0.53 -6.97 -5.15
C PRO B 458 -2.04 -7.14 -5.37
N SER B 459 -2.41 -7.69 -6.52
CA SER B 459 -3.82 -7.90 -6.89
C SER B 459 -4.22 -9.39 -6.68
N ALA B 460 -5.23 -9.86 -7.41
CA ALA B 460 -5.78 -11.19 -7.17
C ALA B 460 -6.22 -11.26 -5.72
N TYR B 461 -5.78 -12.26 -4.96
CA TYR B 461 -6.35 -12.45 -3.61
C TYR B 461 -6.22 -11.21 -2.74
N TYR B 462 -5.14 -10.46 -2.92
CA TYR B 462 -4.90 -9.26 -2.11
C TYR B 462 -5.50 -7.97 -2.67
N ALA B 463 -6.24 -8.06 -3.79
CA ALA B 463 -6.90 -6.87 -4.34
C ALA B 463 -7.76 -6.25 -3.27
N ALA B 464 -8.32 -7.07 -2.38
CA ALA B 464 -9.18 -6.50 -1.31
C ALA B 464 -8.50 -5.36 -0.55
N ASP B 465 -7.18 -5.52 -0.31
CA ASP B 465 -6.41 -4.58 0.51
C ASP B 465 -6.43 -3.19 -0.06
N TYR B 466 -6.47 -3.07 -1.40
CA TYR B 466 -6.46 -1.72 -1.98
C TYR B 466 -7.86 -1.25 -2.36
N CYS B 467 -8.87 -2.08 -2.15
CA CYS B 467 -10.25 -1.67 -2.41
C CYS B 467 -10.99 -1.09 -1.19
N ALA B 468 -10.43 -1.25 0.01
CA ALA B 468 -11.07 -0.72 1.21
C ALA B 468 -10.00 -0.31 2.21
N TYR B 469 -10.34 0.64 3.08
CA TYR B 469 -9.41 1.05 4.15
C TYR B 469 -9.98 0.63 5.52
N PRO B 470 -9.10 0.28 6.47
CA PRO B 470 -9.59 -0.16 7.78
C PRO B 470 -10.07 1.06 8.58
N VAL B 471 -11.12 0.86 9.37
CA VAL B 471 -11.59 1.86 10.35
C VAL B 471 -11.63 1.18 11.69
N ALA B 472 -10.79 1.65 12.60
CA ALA B 472 -10.73 1.08 13.93
C ALA B 472 -11.60 1.93 14.83
N SER B 473 -12.50 1.30 15.58
CA SER B 473 -13.43 2.05 16.44
C SER B 473 -13.38 1.50 17.85
N LEU B 474 -13.33 2.40 18.84
N LEU B 474 -13.35 2.40 18.83
CA LEU B 474 -13.61 2.02 20.21
CA LEU B 474 -13.60 2.01 20.21
C LEU B 474 -14.99 2.56 20.50
C LEU B 474 -14.96 2.57 20.56
N GLU B 475 -15.85 1.72 21.07
CA GLU B 475 -17.25 2.10 21.22
C GLU B 475 -17.75 1.78 22.63
N SER B 476 -18.56 2.69 23.17
CA SER B 476 -19.20 2.44 24.45
C SER B 476 -20.51 3.18 24.36
N PRO B 477 -21.56 2.67 25.03
CA PRO B 477 -22.89 3.23 24.78
C PRO B 477 -23.06 4.60 25.47
N SER B 478 -22.16 4.95 26.41
CA SER B 478 -22.22 6.25 27.06
C SER B 478 -20.81 6.70 27.41
N VAL B 479 -20.58 8.01 27.41
CA VAL B 479 -19.32 8.50 27.98
C VAL B 479 -19.32 8.17 29.45
N SER B 480 -18.14 8.00 30.02
CA SER B 480 -18.07 7.73 31.44
C SER B 480 -16.69 8.10 31.97
N LEU B 481 -16.61 8.29 33.28
CA LEU B 481 -15.36 8.57 33.97
C LEU B 481 -14.68 7.26 34.32
N PRO B 482 -13.34 7.19 34.17
CA PRO B 482 -12.62 5.98 34.59
C PRO B 482 -12.56 5.91 36.10
N ALA B 483 -12.29 4.74 36.65
CA ALA B 483 -12.24 4.56 38.10
C ALA B 483 -11.17 5.46 38.73
N THR B 484 -10.05 5.58 38.02
CA THR B 484 -8.96 6.48 38.40
C THR B 484 -8.67 7.47 37.27
N LEU B 485 -8.77 8.76 37.56
CA LEU B 485 -8.44 9.78 36.56
C LEU B 485 -6.92 9.88 36.34
N THR B 486 -6.53 10.36 35.16
CA THR B 486 -5.15 10.76 34.92
C THR B 486 -4.75 11.82 35.96
N PRO B 487 -3.47 11.84 36.35
CA PRO B 487 -2.94 12.84 37.29
C PRO B 487 -3.16 14.26 36.77
N GLY B 488 -3.13 15.25 37.67
CA GLY B 488 -3.16 16.65 37.25
C GLY B 488 -4.54 17.26 36.96
N ILE B 489 -5.58 16.46 37.21
CA ILE B 489 -6.94 16.91 36.95
C ILE B 489 -7.75 17.01 38.26
#